data_6Z2T
# 
_entry.id   6Z2T 
# 
_audit_conform.dict_name       mmcif_pdbx.dic 
_audit_conform.dict_version    5.383 
_audit_conform.dict_location   http://mmcif.pdb.org/dictionaries/ascii/mmcif_pdbx.dic 
# 
loop_
_database_2.database_id 
_database_2.database_code 
_database_2.pdbx_database_accession 
_database_2.pdbx_DOI 
PDB   6Z2T         pdb_00006z2t 10.2210/pdb6z2t/pdb 
WWPDB D_1292108780 ?            ?                   
# 
loop_
_pdbx_audit_revision_history.ordinal 
_pdbx_audit_revision_history.data_content_type 
_pdbx_audit_revision_history.major_revision 
_pdbx_audit_revision_history.minor_revision 
_pdbx_audit_revision_history.revision_date 
1 'Structure model' 1 0 2021-06-02 
2 'Structure model' 1 1 2024-01-24 
# 
_pdbx_audit_revision_details.ordinal             1 
_pdbx_audit_revision_details.revision_ordinal    1 
_pdbx_audit_revision_details.data_content_type   'Structure model' 
_pdbx_audit_revision_details.provider            repository 
_pdbx_audit_revision_details.type                'Initial release' 
_pdbx_audit_revision_details.description         ? 
_pdbx_audit_revision_details.details             ? 
# 
loop_
_pdbx_audit_revision_group.ordinal 
_pdbx_audit_revision_group.revision_ordinal 
_pdbx_audit_revision_group.data_content_type 
_pdbx_audit_revision_group.group 
1 2 'Structure model' 'Data collection'        
2 2 'Structure model' 'Database references'    
3 2 'Structure model' 'Refinement description' 
# 
loop_
_pdbx_audit_revision_category.ordinal 
_pdbx_audit_revision_category.revision_ordinal 
_pdbx_audit_revision_category.data_content_type 
_pdbx_audit_revision_category.category 
1 2 'Structure model' chem_comp_atom                
2 2 'Structure model' chem_comp_bond                
3 2 'Structure model' database_2                    
4 2 'Structure model' pdbx_initial_refinement_model 
# 
loop_
_pdbx_audit_revision_item.ordinal 
_pdbx_audit_revision_item.revision_ordinal 
_pdbx_audit_revision_item.data_content_type 
_pdbx_audit_revision_item.item 
1 2 'Structure model' '_database_2.pdbx_DOI'                
2 2 'Structure model' '_database_2.pdbx_database_accession' 
# 
_pdbx_database_status.status_code                     REL 
_pdbx_database_status.status_code_sf                  REL 
_pdbx_database_status.status_code_mr                  ? 
_pdbx_database_status.entry_id                        6Z2T 
_pdbx_database_status.recvd_initial_deposition_date   2020-05-18 
_pdbx_database_status.SG_entry                        N 
_pdbx_database_status.deposit_site                    PDBE 
_pdbx_database_status.process_site                    PDBE 
_pdbx_database_status.status_code_cs                  ? 
_pdbx_database_status.status_code_nmr_data            ? 
_pdbx_database_status.methods_development_category    ? 
_pdbx_database_status.pdb_format_compatible           Y 
# 
loop_
_audit_author.name 
_audit_author.pdbx_ordinal 
_audit_author.identifier_ORCID 
'Kirsteina, A.' 1 0000-0003-3742-7158 
'Kazaks, A.'    2 0000-0003-4964-0984 
'Tars, K.'      3 0000-0001-8421-9023 
# 
_citation.abstract                  ? 
_citation.abstract_id_CAS           ? 
_citation.book_id_ISBN              ? 
_citation.book_publisher            ? 
_citation.book_publisher_city       ? 
_citation.book_title                ? 
_citation.coordinate_linkage        ? 
_citation.country                   ? 
_citation.database_id_Medline       ? 
_citation.details                   ? 
_citation.id                        primary 
_citation.journal_abbrev            'To Be Published' 
_citation.journal_id_ASTM           ? 
_citation.journal_id_CSD            0353 
_citation.journal_id_ISSN           ? 
_citation.journal_full              ? 
_citation.journal_issue             ? 
_citation.journal_volume            ? 
_citation.language                  ? 
_citation.page_first                ? 
_citation.page_last                 ? 
_citation.title                     'Three-dimensional structure of an influenza hemagglutinin LAH protein' 
_citation.year                      ? 
_citation.database_id_CSD           ? 
_citation.pdbx_database_id_DOI      ? 
_citation.pdbx_database_id_PubMed   ? 
_citation.unpublished_flag          ? 
# 
loop_
_citation_author.citation_id 
_citation_author.name 
_citation_author.ordinal 
_citation_author.identifier_ORCID 
primary 'Kirsteina, A.' 1 0000-0003-3742-7158 
primary 'Kazaks, A.'    2 0000-0003-4964-0984 
primary 'Tars, K.'      3 0000-0001-8421-9023 
# 
loop_
_entity.id 
_entity.type 
_entity.src_method 
_entity.pdbx_description 
_entity.formula_weight 
_entity.pdbx_number_of_molecules 
_entity.pdbx_ec 
_entity.pdbx_mutation 
_entity.pdbx_fragment 
_entity.details 
1 polymer     man Hemagglutinin   6964.825 1  ? ? ? ? 
2 non-polymer syn 'PHOSPHATE ION' 94.971   1  ? ? ? ? 
3 water       nat water           18.015   47 ? ? ? ? 
# 
_entity_poly.entity_id                      1 
_entity_poly.type                           'polypeptide(L)' 
_entity_poly.nstd_linkage                   no 
_entity_poly.nstd_monomer                   no 
_entity_poly.pdbx_seq_one_letter_code       MEKRIENLNKKVDDGFLDIWTYNAELLVLLENERTLDYHDSNVKNLYEKVRSQLKNNA 
_entity_poly.pdbx_seq_one_letter_code_can   MEKRIENLNKKVDDGFLDIWTYNAELLVLLENERTLDYHDSNVKNLYEKVRSQLKNNA 
_entity_poly.pdbx_strand_id                 A 
_entity_poly.pdbx_target_identifier         ? 
# 
loop_
_pdbx_entity_nonpoly.entity_id 
_pdbx_entity_nonpoly.name 
_pdbx_entity_nonpoly.comp_id 
2 'PHOSPHATE ION' PO4 
3 water           HOH 
# 
loop_
_entity_poly_seq.entity_id 
_entity_poly_seq.num 
_entity_poly_seq.mon_id 
_entity_poly_seq.hetero 
1 1  MET n 
1 2  GLU n 
1 3  LYS n 
1 4  ARG n 
1 5  ILE n 
1 6  GLU n 
1 7  ASN n 
1 8  LEU n 
1 9  ASN n 
1 10 LYS n 
1 11 LYS n 
1 12 VAL n 
1 13 ASP n 
1 14 ASP n 
1 15 GLY n 
1 16 PHE n 
1 17 LEU n 
1 18 ASP n 
1 19 ILE n 
1 20 TRP n 
1 21 THR n 
1 22 TYR n 
1 23 ASN n 
1 24 ALA n 
1 25 GLU n 
1 26 LEU n 
1 27 LEU n 
1 28 VAL n 
1 29 LEU n 
1 30 LEU n 
1 31 GLU n 
1 32 ASN n 
1 33 GLU n 
1 34 ARG n 
1 35 THR n 
1 36 LEU n 
1 37 ASP n 
1 38 TYR n 
1 39 HIS n 
1 40 ASP n 
1 41 SER n 
1 42 ASN n 
1 43 VAL n 
1 44 LYS n 
1 45 ASN n 
1 46 LEU n 
1 47 TYR n 
1 48 GLU n 
1 49 LYS n 
1 50 VAL n 
1 51 ARG n 
1 52 SER n 
1 53 GLN n 
1 54 LEU n 
1 55 LYS n 
1 56 ASN n 
1 57 ASN n 
1 58 ALA n 
# 
_entity_src_gen.entity_id                          1 
_entity_src_gen.pdbx_src_id                        1 
_entity_src_gen.pdbx_alt_source_flag               sample 
_entity_src_gen.pdbx_seq_type                      'Biological sequence' 
_entity_src_gen.pdbx_beg_seq_num                   1 
_entity_src_gen.pdbx_end_seq_num                   58 
_entity_src_gen.gene_src_common_name               ? 
_entity_src_gen.gene_src_genus                     ? 
_entity_src_gen.pdbx_gene_src_gene                 ? 
_entity_src_gen.gene_src_species                   ? 
_entity_src_gen.gene_src_strain                    ? 
_entity_src_gen.gene_src_tissue                    ? 
_entity_src_gen.gene_src_tissue_fraction           ? 
_entity_src_gen.gene_src_details                   ? 
_entity_src_gen.pdbx_gene_src_fragment             ? 
_entity_src_gen.pdbx_gene_src_scientific_name      'Influenza A virus (A/Mexico City/63/2009(H1N1))' 
_entity_src_gen.pdbx_gene_src_ncbi_taxonomy_id     654771 
_entity_src_gen.pdbx_gene_src_variant              ? 
_entity_src_gen.pdbx_gene_src_cell_line            ? 
_entity_src_gen.pdbx_gene_src_atcc                 ? 
_entity_src_gen.pdbx_gene_src_organ                ? 
_entity_src_gen.pdbx_gene_src_organelle            ? 
_entity_src_gen.pdbx_gene_src_cell                 ? 
_entity_src_gen.pdbx_gene_src_cellular_location    ? 
_entity_src_gen.host_org_common_name               ? 
_entity_src_gen.pdbx_host_org_scientific_name      'Escherichia coli' 
_entity_src_gen.pdbx_host_org_ncbi_taxonomy_id     562 
_entity_src_gen.host_org_genus                     ? 
_entity_src_gen.pdbx_host_org_gene                 ? 
_entity_src_gen.pdbx_host_org_organ                ? 
_entity_src_gen.host_org_species                   ? 
_entity_src_gen.pdbx_host_org_tissue               ? 
_entity_src_gen.pdbx_host_org_tissue_fraction      ? 
_entity_src_gen.pdbx_host_org_strain               ? 
_entity_src_gen.pdbx_host_org_variant              ? 
_entity_src_gen.pdbx_host_org_cell_line            ? 
_entity_src_gen.pdbx_host_org_atcc                 ? 
_entity_src_gen.pdbx_host_org_culture_collection   ? 
_entity_src_gen.pdbx_host_org_cell                 ? 
_entity_src_gen.pdbx_host_org_organelle            ? 
_entity_src_gen.pdbx_host_org_cellular_location    ? 
_entity_src_gen.pdbx_host_org_vector_type          ? 
_entity_src_gen.pdbx_host_org_vector               ? 
_entity_src_gen.host_org_details                   ? 
_entity_src_gen.expression_system_id               ? 
_entity_src_gen.plasmid_name                       ? 
_entity_src_gen.plasmid_details                    ? 
_entity_src_gen.pdbx_description                   ? 
# 
loop_
_chem_comp.id 
_chem_comp.type 
_chem_comp.mon_nstd_flag 
_chem_comp.name 
_chem_comp.pdbx_synonyms 
_chem_comp.formula 
_chem_comp.formula_weight 
ALA 'L-peptide linking' y ALANINE         ? 'C3 H7 N O2'     89.093  
ARG 'L-peptide linking' y ARGININE        ? 'C6 H15 N4 O2 1' 175.209 
ASN 'L-peptide linking' y ASPARAGINE      ? 'C4 H8 N2 O3'    132.118 
ASP 'L-peptide linking' y 'ASPARTIC ACID' ? 'C4 H7 N O4'     133.103 
GLN 'L-peptide linking' y GLUTAMINE       ? 'C5 H10 N2 O3'   146.144 
GLU 'L-peptide linking' y 'GLUTAMIC ACID' ? 'C5 H9 N O4'     147.129 
GLY 'peptide linking'   y GLYCINE         ? 'C2 H5 N O2'     75.067  
HIS 'L-peptide linking' y HISTIDINE       ? 'C6 H10 N3 O2 1' 156.162 
HOH non-polymer         . WATER           ? 'H2 O'           18.015  
ILE 'L-peptide linking' y ISOLEUCINE      ? 'C6 H13 N O2'    131.173 
LEU 'L-peptide linking' y LEUCINE         ? 'C6 H13 N O2'    131.173 
LYS 'L-peptide linking' y LYSINE          ? 'C6 H15 N2 O2 1' 147.195 
MET 'L-peptide linking' y METHIONINE      ? 'C5 H11 N O2 S'  149.211 
PHE 'L-peptide linking' y PHENYLALANINE   ? 'C9 H11 N O2'    165.189 
PO4 non-polymer         . 'PHOSPHATE ION' ? 'O4 P -3'        94.971  
SER 'L-peptide linking' y SERINE          ? 'C3 H7 N O3'     105.093 
THR 'L-peptide linking' y THREONINE       ? 'C4 H9 N O3'     119.119 
TRP 'L-peptide linking' y TRYPTOPHAN      ? 'C11 H12 N2 O2'  204.225 
TYR 'L-peptide linking' y TYROSINE        ? 'C9 H11 N O3'    181.189 
VAL 'L-peptide linking' y VALINE          ? 'C5 H11 N O2'    117.146 
# 
loop_
_pdbx_poly_seq_scheme.asym_id 
_pdbx_poly_seq_scheme.entity_id 
_pdbx_poly_seq_scheme.seq_id 
_pdbx_poly_seq_scheme.mon_id 
_pdbx_poly_seq_scheme.ndb_seq_num 
_pdbx_poly_seq_scheme.pdb_seq_num 
_pdbx_poly_seq_scheme.auth_seq_num 
_pdbx_poly_seq_scheme.pdb_mon_id 
_pdbx_poly_seq_scheme.auth_mon_id 
_pdbx_poly_seq_scheme.pdb_strand_id 
_pdbx_poly_seq_scheme.pdb_ins_code 
_pdbx_poly_seq_scheme.hetero 
A 1 1  MET 1  16 16 MET MET A . n 
A 1 2  GLU 2  17 17 GLU GLU A . n 
A 1 3  LYS 3  18 18 LYS LYS A . n 
A 1 4  ARG 4  19 19 ARG ARG A . n 
A 1 5  ILE 5  20 20 ILE ILE A . n 
A 1 6  GLU 6  21 21 GLU GLU A . n 
A 1 7  ASN 7  22 22 ASN ASN A . n 
A 1 8  LEU 8  23 23 LEU LEU A . n 
A 1 9  ASN 9  24 24 ASN ASN A . n 
A 1 10 LYS 10 25 25 LYS LYS A . n 
A 1 11 LYS 11 26 26 LYS LYS A . n 
A 1 12 VAL 12 27 27 VAL VAL A . n 
A 1 13 ASP 13 28 28 ASP ASP A . n 
A 1 14 ASP 14 29 29 ASP ASP A . n 
A 1 15 GLY 15 30 30 GLY GLY A . n 
A 1 16 PHE 16 31 31 PHE PHE A . n 
A 1 17 LEU 17 32 32 LEU LEU A . n 
A 1 18 ASP 18 33 33 ASP ASP A . n 
A 1 19 ILE 19 34 34 ILE ILE A . n 
A 1 20 TRP 20 35 35 TRP TRP A . n 
A 1 21 THR 21 36 36 THR THR A . n 
A 1 22 TYR 22 37 37 TYR TYR A . n 
A 1 23 ASN 23 38 38 ASN ASN A . n 
A 1 24 ALA 24 39 39 ALA ALA A . n 
A 1 25 GLU 25 40 40 GLU GLU A . n 
A 1 26 LEU 26 41 41 LEU LEU A . n 
A 1 27 LEU 27 42 42 LEU LEU A . n 
A 1 28 VAL 28 43 43 VAL VAL A . n 
A 1 29 LEU 29 44 44 LEU LEU A . n 
A 1 30 LEU 30 45 45 LEU LEU A . n 
A 1 31 GLU 31 46 46 GLU GLU A . n 
A 1 32 ASN 32 47 47 ASN ASN A . n 
A 1 33 GLU 33 48 48 GLU GLU A . n 
A 1 34 ARG 34 49 49 ARG ARG A . n 
A 1 35 THR 35 50 50 THR THR A . n 
A 1 36 LEU 36 51 51 LEU LEU A . n 
A 1 37 ASP 37 52 52 ASP ASP A . n 
A 1 38 TYR 38 53 53 TYR TYR A . n 
A 1 39 HIS 39 54 54 HIS HIS A . n 
A 1 40 ASP 40 55 55 ASP ASP A . n 
A 1 41 SER 41 56 56 SER SER A . n 
A 1 42 ASN 42 57 57 ASN ASN A . n 
A 1 43 VAL 43 58 58 VAL VAL A . n 
A 1 44 LYS 44 59 59 LYS LYS A . n 
A 1 45 ASN 45 60 60 ASN ASN A . n 
A 1 46 LEU 46 61 61 LEU LEU A . n 
A 1 47 TYR 47 62 62 TYR TYR A . n 
A 1 48 GLU 48 63 63 GLU GLU A . n 
A 1 49 LYS 49 64 64 LYS LYS A . n 
A 1 50 VAL 50 65 65 VAL VAL A . n 
A 1 51 ARG 51 66 66 ARG ARG A . n 
A 1 52 SER 52 67 67 SER SER A . n 
A 1 53 GLN 53 68 68 GLN GLN A . n 
A 1 54 LEU 54 69 69 LEU LEU A . n 
A 1 55 LYS 55 70 70 LYS LYS A . n 
A 1 56 ASN 56 71 71 ASN ASN A . n 
A 1 57 ASN 57 72 72 ASN ASN A . n 
A 1 58 ALA 58 73 ?  ?   ?   A . n 
# 
loop_
_pdbx_nonpoly_scheme.asym_id 
_pdbx_nonpoly_scheme.entity_id 
_pdbx_nonpoly_scheme.mon_id 
_pdbx_nonpoly_scheme.ndb_seq_num 
_pdbx_nonpoly_scheme.pdb_seq_num 
_pdbx_nonpoly_scheme.auth_seq_num 
_pdbx_nonpoly_scheme.pdb_mon_id 
_pdbx_nonpoly_scheme.auth_mon_id 
_pdbx_nonpoly_scheme.pdb_strand_id 
_pdbx_nonpoly_scheme.pdb_ins_code 
B 2 PO4 1  101 2  PO4 PO4 A . 
C 3 HOH 1  201 23 HOH HOH A . 
C 3 HOH 2  202 22 HOH HOH A . 
C 3 HOH 3  203 39 HOH HOH A . 
C 3 HOH 4  204 19 HOH HOH A . 
C 3 HOH 5  205 29 HOH HOH A . 
C 3 HOH 6  206 32 HOH HOH A . 
C 3 HOH 7  207 40 HOH HOH A . 
C 3 HOH 8  208 5  HOH HOH A . 
C 3 HOH 9  209 17 HOH HOH A . 
C 3 HOH 10 210 48 HOH HOH A . 
C 3 HOH 11 211 58 HOH HOH A . 
C 3 HOH 12 212 43 HOH HOH A . 
C 3 HOH 13 213 15 HOH HOH A . 
C 3 HOH 14 214 11 HOH HOH A . 
C 3 HOH 15 215 21 HOH HOH A . 
C 3 HOH 16 216 13 HOH HOH A . 
C 3 HOH 17 217 25 HOH HOH A . 
C 3 HOH 18 218 18 HOH HOH A . 
C 3 HOH 19 219 2  HOH HOH A . 
C 3 HOH 20 220 1  HOH HOH A . 
C 3 HOH 21 221 20 HOH HOH A . 
C 3 HOH 22 222 10 HOH HOH A . 
C 3 HOH 23 223 41 HOH HOH A . 
C 3 HOH 24 224 4  HOH HOH A . 
C 3 HOH 25 225 26 HOH HOH A . 
C 3 HOH 26 226 6  HOH HOH A . 
C 3 HOH 27 227 7  HOH HOH A . 
C 3 HOH 28 228 12 HOH HOH A . 
C 3 HOH 29 229 3  HOH HOH A . 
C 3 HOH 30 230 16 HOH HOH A . 
C 3 HOH 31 231 9  HOH HOH A . 
C 3 HOH 32 232 49 HOH HOH A . 
C 3 HOH 33 233 34 HOH HOH A . 
C 3 HOH 34 234 8  HOH HOH A . 
C 3 HOH 35 235 30 HOH HOH A . 
C 3 HOH 36 236 27 HOH HOH A . 
C 3 HOH 37 237 42 HOH HOH A . 
C 3 HOH 38 238 35 HOH HOH A . 
C 3 HOH 39 239 59 HOH HOH A . 
C 3 HOH 40 240 33 HOH HOH A . 
C 3 HOH 41 241 31 HOH HOH A . 
C 3 HOH 42 242 47 HOH HOH A . 
C 3 HOH 43 243 46 HOH HOH A . 
C 3 HOH 44 244 55 HOH HOH A . 
C 3 HOH 45 245 45 HOH HOH A . 
C 3 HOH 46 246 60 HOH HOH A . 
C 3 HOH 47 247 37 HOH HOH A . 
# 
loop_
_software.citation_id 
_software.classification 
_software.compiler_name 
_software.compiler_version 
_software.contact_author 
_software.contact_author_email 
_software.date 
_software.description 
_software.dependencies 
_software.hardware 
_software.language 
_software.location 
_software.mods 
_software.name 
_software.os 
_software.os_version 
_software.type 
_software.version 
_software.pdbx_ordinal 
? refinement     ? ? ? ? ? ? ? ? ? ? ? REFMAC ? ? ? 5.8.0253 1 
? 'data scaling' ? ? ? ? ? ? ? ? ? ? ? SCALA  ? ? ? .        2 
# 
_cell.angle_alpha                  90.000 
_cell.angle_alpha_esd              ? 
_cell.angle_beta                   90.000 
_cell.angle_beta_esd               ? 
_cell.angle_gamma                  120.000 
_cell.angle_gamma_esd              ? 
_cell.entry_id                     6Z2T 
_cell.details                      ? 
_cell.formula_units_Z              ? 
_cell.length_a                     36.780 
_cell.length_a_esd                 ? 
_cell.length_b                     36.780 
_cell.length_b_esd                 ? 
_cell.length_c                     166.570 
_cell.length_c_esd                 ? 
_cell.volume                       ? 
_cell.volume_esd                   ? 
_cell.Z_PDB                        12 
_cell.reciprocal_angle_alpha       ? 
_cell.reciprocal_angle_beta        ? 
_cell.reciprocal_angle_gamma       ? 
_cell.reciprocal_angle_alpha_esd   ? 
_cell.reciprocal_angle_beta_esd    ? 
_cell.reciprocal_angle_gamma_esd   ? 
_cell.reciprocal_length_a          ? 
_cell.reciprocal_length_b          ? 
_cell.reciprocal_length_c          ? 
_cell.reciprocal_length_a_esd      ? 
_cell.reciprocal_length_b_esd      ? 
_cell.reciprocal_length_c_esd      ? 
_cell.pdbx_unique_axis             ? 
# 
_symmetry.entry_id                         6Z2T 
_symmetry.cell_setting                     ? 
_symmetry.Int_Tables_number                182 
_symmetry.space_group_name_Hall            ? 
_symmetry.space_group_name_H-M             'P 63 2 2' 
_symmetry.pdbx_full_space_group_name_H-M   ? 
# 
_exptl.absorpt_coefficient_mu     ? 
_exptl.absorpt_correction_T_max   ? 
_exptl.absorpt_correction_T_min   ? 
_exptl.absorpt_correction_type    ? 
_exptl.absorpt_process_details    ? 
_exptl.entry_id                   6Z2T 
_exptl.crystals_number            1 
_exptl.details                    ? 
_exptl.method                     'X-RAY DIFFRACTION' 
_exptl.method_details             ? 
# 
_exptl_crystal.colour                      ? 
_exptl_crystal.density_diffrn              ? 
_exptl_crystal.density_Matthews            2.32 
_exptl_crystal.density_method              ? 
_exptl_crystal.density_percent_sol         47.00 
_exptl_crystal.description                 ? 
_exptl_crystal.F_000                       ? 
_exptl_crystal.id                          1 
_exptl_crystal.preparation                 ? 
_exptl_crystal.size_max                    ? 
_exptl_crystal.size_mid                    ? 
_exptl_crystal.size_min                    ? 
_exptl_crystal.size_rad                    ? 
_exptl_crystal.colour_lustre               ? 
_exptl_crystal.colour_modifier             ? 
_exptl_crystal.colour_primary              ? 
_exptl_crystal.density_meas                ? 
_exptl_crystal.density_meas_esd            ? 
_exptl_crystal.density_meas_gt             ? 
_exptl_crystal.density_meas_lt             ? 
_exptl_crystal.density_meas_temp           ? 
_exptl_crystal.density_meas_temp_esd       ? 
_exptl_crystal.density_meas_temp_gt        ? 
_exptl_crystal.density_meas_temp_lt        ? 
_exptl_crystal.pdbx_crystal_image_url      ? 
_exptl_crystal.pdbx_crystal_image_format   ? 
_exptl_crystal.pdbx_mosaicity              ? 
_exptl_crystal.pdbx_mosaicity_esd          ? 
# 
_exptl_crystal_grow.apparatus       ? 
_exptl_crystal_grow.atmosphere      ? 
_exptl_crystal_grow.crystal_id      1 
_exptl_crystal_grow.details         ? 
_exptl_crystal_grow.method          'VAPOR DIFFUSION, SITTING DROP' 
_exptl_crystal_grow.method_ref      ? 
_exptl_crystal_grow.pH              6.7 
_exptl_crystal_grow.pressure        ? 
_exptl_crystal_grow.pressure_esd    ? 
_exptl_crystal_grow.seeding         ? 
_exptl_crystal_grow.seeding_ref     ? 
_exptl_crystal_grow.temp            294 
_exptl_crystal_grow.temp_details    ? 
_exptl_crystal_grow.temp_esd        ? 
_exptl_crystal_grow.time            ? 
_exptl_crystal_grow.pdbx_details    '0.15 M H6NO4P and 40% MPD; pH 6.7; protein 10 mg/mL' 
_exptl_crystal_grow.pdbx_pH_range   ? 
# 
_diffrn.ambient_environment              ? 
_diffrn.ambient_temp                     100 
_diffrn.ambient_temp_details             ? 
_diffrn.ambient_temp_esd                 ? 
_diffrn.crystal_id                       1 
_diffrn.crystal_support                  ? 
_diffrn.crystal_treatment                ? 
_diffrn.details                          ? 
_diffrn.id                               1 
_diffrn.ambient_pressure                 ? 
_diffrn.ambient_pressure_esd             ? 
_diffrn.ambient_pressure_gt              ? 
_diffrn.ambient_pressure_lt              ? 
_diffrn.ambient_temp_gt                  ? 
_diffrn.ambient_temp_lt                  ? 
_diffrn.pdbx_serial_crystal_experiment   N 
# 
_diffrn_detector.details                      'RH-COATED TOROIDAL SI MIRROR' 
_diffrn_detector.detector                     CCD 
_diffrn_detector.diffrn_id                    1 
_diffrn_detector.type                         'MARMOSAIC 225 mm CCD' 
_diffrn_detector.area_resol_mean              ? 
_diffrn_detector.dtime                        ? 
_diffrn_detector.pdbx_frames_total            ? 
_diffrn_detector.pdbx_collection_time_total   ? 
_diffrn_detector.pdbx_collection_date         2017-04-01 
_diffrn_detector.pdbx_frequency               ? 
# 
_diffrn_radiation.collimation                      ? 
_diffrn_radiation.diffrn_id                        1 
_diffrn_radiation.filter_edge                      ? 
_diffrn_radiation.inhomogeneity                    ? 
_diffrn_radiation.monochromator                    KMC-1 
_diffrn_radiation.polarisn_norm                    ? 
_diffrn_radiation.polarisn_ratio                   ? 
_diffrn_radiation.probe                            ? 
_diffrn_radiation.type                             ? 
_diffrn_radiation.xray_symbol                      ? 
_diffrn_radiation.wavelength_id                    1 
_diffrn_radiation.pdbx_monochromatic_or_laue_m_l   M 
_diffrn_radiation.pdbx_wavelength_list             ? 
_diffrn_radiation.pdbx_wavelength                  ? 
_diffrn_radiation.pdbx_diffrn_protocol             'SINGLE WAVELENGTH' 
_diffrn_radiation.pdbx_analyzer                    ? 
_diffrn_radiation.pdbx_scattering_type             x-ray 
# 
_diffrn_radiation_wavelength.id           1 
_diffrn_radiation_wavelength.wavelength   0.91841 
_diffrn_radiation_wavelength.wt           1.0 
# 
_diffrn_source.current                     ? 
_diffrn_source.details                     ? 
_diffrn_source.diffrn_id                   1 
_diffrn_source.power                       ? 
_diffrn_source.size                        ? 
_diffrn_source.source                      SYNCHROTRON 
_diffrn_source.target                      ? 
_diffrn_source.type                        'MAX II BEAMLINE I911-3' 
_diffrn_source.voltage                     ? 
_diffrn_source.take-off_angle              ? 
_diffrn_source.pdbx_wavelength_list        0.91841 
_diffrn_source.pdbx_wavelength             ? 
_diffrn_source.pdbx_synchrotron_beamline   I911-3 
_diffrn_source.pdbx_synchrotron_site       'MAX II' 
# 
_reflns.B_iso_Wilson_estimate            20.069 
_reflns.entry_id                         6Z2T 
_reflns.data_reduction_details           ? 
_reflns.data_reduction_method            ? 
_reflns.d_resolution_high                1.34 
_reflns.d_resolution_low                 55.52 
_reflns.details                          ? 
_reflns.limit_h_max                      ? 
_reflns.limit_h_min                      ? 
_reflns.limit_k_max                      ? 
_reflns.limit_k_min                      ? 
_reflns.limit_l_max                      ? 
_reflns.limit_l_min                      ? 
_reflns.number_all                       ? 
_reflns.number_obs                       15916 
_reflns.observed_criterion               ? 
_reflns.observed_criterion_F_max         ? 
_reflns.observed_criterion_F_min         ? 
_reflns.observed_criterion_I_max         ? 
_reflns.observed_criterion_I_min         ? 
_reflns.observed_criterion_sigma_F       ? 
_reflns.observed_criterion_sigma_I       ? 
_reflns.percent_possible_obs             99.5 
_reflns.R_free_details                   ? 
_reflns.Rmerge_F_all                     ? 
_reflns.Rmerge_F_obs                     ? 
_reflns.Friedel_coverage                 ? 
_reflns.number_gt                        ? 
_reflns.threshold_expression             ? 
_reflns.pdbx_redundancy                  7.1 
_reflns.pdbx_Rmerge_I_obs                0.050 
_reflns.pdbx_Rmerge_I_all                ? 
_reflns.pdbx_Rsym_value                  ? 
_reflns.pdbx_netI_over_av_sigmaI         ? 
_reflns.pdbx_netI_over_sigmaI            13.3 
_reflns.pdbx_res_netI_over_av_sigmaI_2   ? 
_reflns.pdbx_res_netI_over_sigmaI_2      ? 
_reflns.pdbx_chi_squared                 ? 
_reflns.pdbx_scaling_rejects             ? 
_reflns.pdbx_d_res_high_opt              ? 
_reflns.pdbx_d_res_low_opt               ? 
_reflns.pdbx_d_res_opt_method            ? 
_reflns.phase_calculation_details        ? 
_reflns.pdbx_Rrim_I_all                  ? 
_reflns.pdbx_Rpim_I_all                  ? 
_reflns.pdbx_d_opt                       ? 
_reflns.pdbx_number_measured_all         ? 
_reflns.pdbx_diffrn_id                   1 
_reflns.pdbx_ordinal                     1 
_reflns.pdbx_CC_half                     ? 
_reflns.pdbx_CC_star                     ? 
_reflns.pdbx_R_split                     ? 
# 
_reflns_shell.d_res_high                  1.34 
_reflns_shell.d_res_low                   1.42 
_reflns_shell.meanI_over_sigI_all         ? 
_reflns_shell.meanI_over_sigI_obs         2.5 
_reflns_shell.number_measured_all         ? 
_reflns_shell.number_measured_obs         ? 
_reflns_shell.number_possible             ? 
_reflns_shell.number_unique_all           ? 
_reflns_shell.number_unique_obs           2234 
_reflns_shell.percent_possible_all        98.4 
_reflns_shell.percent_possible_obs        ? 
_reflns_shell.Rmerge_F_all                ? 
_reflns_shell.Rmerge_F_obs                ? 
_reflns_shell.Rmerge_I_all                ? 
_reflns_shell.Rmerge_I_obs                0.583 
_reflns_shell.meanI_over_sigI_gt          ? 
_reflns_shell.meanI_over_uI_all           ? 
_reflns_shell.meanI_over_uI_gt            ? 
_reflns_shell.number_measured_gt          ? 
_reflns_shell.number_unique_gt            ? 
_reflns_shell.percent_possible_gt         ? 
_reflns_shell.Rmerge_F_gt                 ? 
_reflns_shell.Rmerge_I_gt                 ? 
_reflns_shell.pdbx_redundancy             7.0 
_reflns_shell.pdbx_Rsym_value             ? 
_reflns_shell.pdbx_chi_squared            ? 
_reflns_shell.pdbx_netI_over_sigmaI_all   ? 
_reflns_shell.pdbx_netI_over_sigmaI_obs   ? 
_reflns_shell.pdbx_Rrim_I_all             ? 
_reflns_shell.pdbx_Rpim_I_all             ? 
_reflns_shell.pdbx_rejects                ? 
_reflns_shell.pdbx_ordinal                1 
_reflns_shell.pdbx_diffrn_id              1 
_reflns_shell.pdbx_CC_half                ? 
_reflns_shell.pdbx_CC_star                ? 
_reflns_shell.pdbx_R_split                ? 
# 
_refine.aniso_B[1][1]                            1.0100 
_refine.aniso_B[1][2]                            0.5100 
_refine.aniso_B[1][3]                            0.0000 
_refine.aniso_B[2][2]                            1.0100 
_refine.aniso_B[2][3]                            -0.0000 
_refine.aniso_B[3][3]                            -3.2800 
_refine.B_iso_max                                76.340 
_refine.B_iso_mean                               25.2190 
_refine.B_iso_min                                15.280 
_refine.correlation_coeff_Fo_to_Fc               0.9600 
_refine.correlation_coeff_Fo_to_Fc_free          0.9560 
_refine.details                                  
'HYDROGENS HAVE BEEN ADDED IN THE RIDING POSITIONS U VALUES      : REFINED INDIVIDUALLY' 
_refine.diff_density_max                         ? 
_refine.diff_density_max_esd                     ? 
_refine.diff_density_min                         ? 
_refine.diff_density_min_esd                     ? 
_refine.diff_density_rms                         ? 
_refine.diff_density_rms_esd                     ? 
_refine.entry_id                                 6Z2T 
_refine.pdbx_refine_id                           'X-RAY DIFFRACTION' 
_refine.ls_abs_structure_details                 ? 
_refine.ls_abs_structure_Flack                   ? 
_refine.ls_abs_structure_Flack_esd               ? 
_refine.ls_abs_structure_Rogers                  ? 
_refine.ls_abs_structure_Rogers_esd              ? 
_refine.ls_d_res_high                            1.3400 
_refine.ls_d_res_low                             41.6800 
_refine.ls_extinction_coef                       ? 
_refine.ls_extinction_coef_esd                   ? 
_refine.ls_extinction_expression                 ? 
_refine.ls_extinction_method                     ? 
_refine.ls_goodness_of_fit_all                   ? 
_refine.ls_goodness_of_fit_all_esd               ? 
_refine.ls_goodness_of_fit_obs                   ? 
_refine.ls_goodness_of_fit_obs_esd               ? 
_refine.ls_hydrogen_treatment                    ? 
_refine.ls_matrix_type                           ? 
_refine.ls_number_constraints                    ? 
_refine.ls_number_parameters                     ? 
_refine.ls_number_reflns_all                     ? 
_refine.ls_number_reflns_obs                     15072 
_refine.ls_number_reflns_R_free                  766 
_refine.ls_number_reflns_R_work                  ? 
_refine.ls_number_restraints                     ? 
_refine.ls_percent_reflns_obs                    99.1300 
_refine.ls_percent_reflns_R_free                 4.8000 
_refine.ls_R_factor_all                          ? 
_refine.ls_R_factor_obs                          0.2165 
_refine.ls_R_factor_R_free                       0.2384 
_refine.ls_R_factor_R_free_error                 ? 
_refine.ls_R_factor_R_free_error_details         ? 
_refine.ls_R_factor_R_work                       0.2154 
_refine.ls_R_Fsqd_factor_obs                     ? 
_refine.ls_R_I_factor_obs                        ? 
_refine.ls_redundancy_reflns_all                 ? 
_refine.ls_redundancy_reflns_obs                 ? 
_refine.ls_restrained_S_all                      ? 
_refine.ls_restrained_S_obs                      ? 
_refine.ls_shift_over_esd_max                    ? 
_refine.ls_shift_over_esd_mean                   ? 
_refine.ls_structure_factor_coef                 ? 
_refine.ls_weighting_details                     ? 
_refine.ls_weighting_scheme                      ? 
_refine.ls_wR_factor_all                         ? 
_refine.ls_wR_factor_obs                         ? 
_refine.ls_wR_factor_R_free                      ? 
_refine.ls_wR_factor_R_work                      ? 
_refine.occupancy_max                            ? 
_refine.occupancy_min                            ? 
_refine.solvent_model_details                    MASK 
_refine.solvent_model_param_bsol                 ? 
_refine.solvent_model_param_ksol                 ? 
_refine.pdbx_R_complete                          ? 
_refine.ls_R_factor_gt                           ? 
_refine.ls_goodness_of_fit_gt                    ? 
_refine.ls_goodness_of_fit_ref                   ? 
_refine.ls_shift_over_su_max                     ? 
_refine.ls_shift_over_su_max_lt                  ? 
_refine.ls_shift_over_su_mean                    ? 
_refine.ls_shift_over_su_mean_lt                 ? 
_refine.pdbx_ls_sigma_I                          ? 
_refine.pdbx_ls_sigma_F                          0.000 
_refine.pdbx_ls_sigma_Fsqd                       ? 
_refine.pdbx_data_cutoff_high_absF               ? 
_refine.pdbx_data_cutoff_high_rms_absF           ? 
_refine.pdbx_data_cutoff_low_absF                ? 
_refine.pdbx_isotropic_thermal_model             ? 
_refine.pdbx_ls_cross_valid_method               THROUGHOUT 
_refine.pdbx_method_to_determine_struct          'MOLECULAR REPLACEMENT' 
_refine.pdbx_starting_model                      6GOL 
_refine.pdbx_stereochemistry_target_values       'MAXIMUM LIKELIHOOD' 
_refine.pdbx_R_Free_selection_details            RANDOM 
_refine.pdbx_stereochem_target_val_spec_case     ? 
_refine.pdbx_overall_ESU_R                       0.0600 
_refine.pdbx_overall_ESU_R_Free                  0.0620 
_refine.pdbx_solvent_vdw_probe_radii             1.2000 
_refine.pdbx_solvent_ion_probe_radii             0.8000 
_refine.pdbx_solvent_shrinkage_radii             0.8000 
_refine.pdbx_real_space_R                        ? 
_refine.pdbx_density_correlation                 ? 
_refine.pdbx_pd_number_of_powder_patterns        ? 
_refine.pdbx_pd_number_of_points                 ? 
_refine.pdbx_pd_meas_number_of_points            ? 
_refine.pdbx_pd_proc_ls_prof_R_factor            ? 
_refine.pdbx_pd_proc_ls_prof_wR_factor           ? 
_refine.pdbx_pd_Marquardt_correlation_coeff      ? 
_refine.pdbx_pd_Fsqrd_R_factor                   ? 
_refine.pdbx_pd_ls_matrix_band_width             ? 
_refine.pdbx_overall_phase_error                 ? 
_refine.pdbx_overall_SU_R_free_Cruickshank_DPI   ? 
_refine.pdbx_overall_SU_R_free_Blow_DPI          ? 
_refine.pdbx_overall_SU_R_Blow_DPI               ? 
_refine.pdbx_TLS_residual_ADP_flag               ? 
_refine.pdbx_diffrn_id                           1 
_refine.overall_SU_B                             1.4790 
_refine.overall_SU_ML                            0.0550 
_refine.overall_SU_R_Cruickshank_DPI             ? 
_refine.overall_SU_R_free                        ? 
_refine.overall_FOM_free_R_set                   ? 
_refine.overall_FOM_work_R_set                   ? 
_refine.pdbx_average_fsc_overall                 ? 
_refine.pdbx_average_fsc_work                    ? 
_refine.pdbx_average_fsc_free                    ? 
# 
_refine_hist.pdbx_refine_id                   'X-RAY DIFFRACTION' 
_refine_hist.cycle_id                         final 
_refine_hist.details                          ? 
_refine_hist.d_res_high                       1.3400 
_refine_hist.d_res_low                        41.6800 
_refine_hist.number_atoms_solvent             47 
_refine_hist.number_atoms_total               536 
_refine_hist.number_reflns_all                ? 
_refine_hist.number_reflns_obs                ? 
_refine_hist.number_reflns_R_free             ? 
_refine_hist.number_reflns_R_work             ? 
_refine_hist.R_factor_all                     ? 
_refine_hist.R_factor_obs                     ? 
_refine_hist.R_factor_R_free                  ? 
_refine_hist.R_factor_R_work                  ? 
_refine_hist.pdbx_number_residues_total       57 
_refine_hist.pdbx_B_iso_mean_ligand           27.04 
_refine_hist.pdbx_B_iso_mean_solvent          33.43 
_refine_hist.pdbx_number_atoms_protein        484 
_refine_hist.pdbx_number_atoms_nucleic_acid   0 
_refine_hist.pdbx_number_atoms_ligand         5 
_refine_hist.pdbx_number_atoms_lipid          ? 
_refine_hist.pdbx_number_atoms_carb           ? 
_refine_hist.pdbx_pseudo_atom_details         ? 
# 
loop_
_refine_ls_restr.pdbx_refine_id 
_refine_ls_restr.criterion 
_refine_ls_restr.dev_ideal 
_refine_ls_restr.dev_ideal_target 
_refine_ls_restr.number 
_refine_ls_restr.rejects 
_refine_ls_restr.type 
_refine_ls_restr.weight 
_refine_ls_restr.pdbx_restraint_function 
'X-RAY DIFFRACTION' ? 0.012  0.013  494  ? r_bond_refined_d       ? ? 
'X-RAY DIFFRACTION' ? 0.018  0.017  456  ? r_bond_other_d         ? ? 
'X-RAY DIFFRACTION' ? 1.756  1.639  665  ? r_angle_refined_deg    ? ? 
'X-RAY DIFFRACTION' ? 1.731  1.597  1061 ? r_angle_other_deg      ? ? 
'X-RAY DIFFRACTION' ? 3.767  5.000  56   ? r_dihedral_angle_1_deg ? ? 
'X-RAY DIFFRACTION' ? 36.721 24.375 32   ? r_dihedral_angle_2_deg ? ? 
'X-RAY DIFFRACTION' ? 12.928 15.000 99   ? r_dihedral_angle_3_deg ? ? 
'X-RAY DIFFRACTION' ? 14.772 15.000 3    ? r_dihedral_angle_4_deg ? ? 
'X-RAY DIFFRACTION' ? 0.085  0.200  60   ? r_chiral_restr         ? ? 
'X-RAY DIFFRACTION' ? 0.009  0.020  537  ? r_gen_planes_refined   ? ? 
'X-RAY DIFFRACTION' ? 0.009  0.020  96   ? r_gen_planes_other     ? ? 
# 
_refine_ls_shell.pdbx_refine_id                   'X-RAY DIFFRACTION' 
_refine_ls_shell.d_res_high                       1.3430 
_refine_ls_shell.d_res_low                        1.3780 
_refine_ls_shell.number_reflns_all                1123 
_refine_ls_shell.number_reflns_obs                ? 
_refine_ls_shell.number_reflns_R_free             58 
_refine_ls_shell.number_reflns_R_work             1065 
_refine_ls_shell.percent_reflns_obs               98.1600 
_refine_ls_shell.percent_reflns_R_free            ? 
_refine_ls_shell.R_factor_all                     ? 
_refine_ls_shell.R_factor_obs                     ? 
_refine_ls_shell.R_factor_R_free                  0.3580 
_refine_ls_shell.R_factor_R_free_error            0.0000 
_refine_ls_shell.R_factor_R_work                  0.3890 
_refine_ls_shell.redundancy_reflns_all            ? 
_refine_ls_shell.redundancy_reflns_obs            ? 
_refine_ls_shell.wR_factor_all                    ? 
_refine_ls_shell.wR_factor_obs                    ? 
_refine_ls_shell.wR_factor_R_free                 ? 
_refine_ls_shell.wR_factor_R_work                 ? 
_refine_ls_shell.pdbx_R_complete                  ? 
_refine_ls_shell.pdbx_total_number_of_bins_used   20 
_refine_ls_shell.pdbx_phase_error                 ? 
_refine_ls_shell.pdbx_fsc_work                    ? 
_refine_ls_shell.pdbx_fsc_free                    ? 
# 
_struct.entry_id                     6Z2T 
_struct.title                        
'Three-dimensional structure of an influenza hemagglutinin LAH protein in its post-fusion conformation' 
_struct.pdbx_model_details           ? 
_struct.pdbx_formula_weight          ? 
_struct.pdbx_formula_weight_method   ? 
_struct.pdbx_model_type_details      ? 
_struct.pdbx_CASP_flag               N 
# 
_struct_keywords.entry_id        6Z2T 
_struct_keywords.text            
'Hemagglutinin stem, Long alpha helix, Influenza, Post-fusion conformation, Tri-stalk protein, viral protein' 
_struct_keywords.pdbx_keywords   'VIRAL PROTEIN' 
# 
loop_
_struct_asym.id 
_struct_asym.pdbx_blank_PDB_chainid_flag 
_struct_asym.pdbx_modified 
_struct_asym.entity_id 
_struct_asym.details 
A N N 1 ? 
B N N 2 ? 
C N N 3 ? 
# 
_struct_ref.id                         1 
_struct_ref.db_name                    UNP 
_struct_ref.db_code                    C6KNC6_9INFA 
_struct_ref.pdbx_db_accession          C6KNC6 
_struct_ref.pdbx_db_isoform            ? 
_struct_ref.entity_id                  1 
_struct_ref.pdbx_seq_one_letter_code   EKRIENLNKKVDDGFLDIWTYNAELLVLLENERTLDYHDSNVKNLYEKVRSQLKNNA 
_struct_ref.pdbx_align_begin           49 
# 
_struct_ref_seq.align_id                      1 
_struct_ref_seq.ref_id                        1 
_struct_ref_seq.pdbx_PDB_id_code              6Z2T 
_struct_ref_seq.pdbx_strand_id                A 
_struct_ref_seq.seq_align_beg                 2 
_struct_ref_seq.pdbx_seq_align_beg_ins_code   ? 
_struct_ref_seq.seq_align_end                 58 
_struct_ref_seq.pdbx_seq_align_end_ins_code   ? 
_struct_ref_seq.pdbx_db_accession             C6KNC6 
_struct_ref_seq.db_align_beg                  49 
_struct_ref_seq.pdbx_db_align_beg_ins_code    ? 
_struct_ref_seq.db_align_end                  105 
_struct_ref_seq.pdbx_db_align_end_ins_code    ? 
_struct_ref_seq.pdbx_auth_seq_align_beg       17 
_struct_ref_seq.pdbx_auth_seq_align_end       73 
# 
_struct_ref_seq_dif.align_id                     1 
_struct_ref_seq_dif.pdbx_pdb_id_code             6Z2T 
_struct_ref_seq_dif.mon_id                       MET 
_struct_ref_seq_dif.pdbx_pdb_strand_id           A 
_struct_ref_seq_dif.seq_num                      1 
_struct_ref_seq_dif.pdbx_pdb_ins_code            ? 
_struct_ref_seq_dif.pdbx_seq_db_name             UNP 
_struct_ref_seq_dif.pdbx_seq_db_accession_code   C6KNC6 
_struct_ref_seq_dif.db_mon_id                    ? 
_struct_ref_seq_dif.pdbx_seq_db_seq_num          ? 
_struct_ref_seq_dif.details                      'initiating methionine' 
_struct_ref_seq_dif.pdbx_auth_seq_num            16 
_struct_ref_seq_dif.pdbx_ordinal                 1 
# 
_pdbx_struct_assembly.id                   1 
_pdbx_struct_assembly.details              author_and_software_defined_assembly 
_pdbx_struct_assembly.method_details       PISA 
_pdbx_struct_assembly.oligomeric_details   trimeric 
_pdbx_struct_assembly.oligomeric_count     3 
# 
loop_
_pdbx_struct_assembly_prop.biol_id 
_pdbx_struct_assembly_prop.type 
_pdbx_struct_assembly_prop.value 
_pdbx_struct_assembly_prop.details 
1 'ABSA (A^2)' 5100  ? 
1 MORE         -41   ? 
1 'SSA (A^2)'  10610 ? 
# 
_pdbx_struct_assembly_gen.assembly_id       1 
_pdbx_struct_assembly_gen.oper_expression   1,2,3 
_pdbx_struct_assembly_gen.asym_id_list      A,B,C 
# 
_pdbx_struct_assembly_auth_evidence.id                     1 
_pdbx_struct_assembly_auth_evidence.assembly_id            1 
_pdbx_struct_assembly_auth_evidence.experimental_support   none 
_pdbx_struct_assembly_auth_evidence.details                ? 
# 
loop_
_pdbx_struct_oper_list.id 
_pdbx_struct_oper_list.type 
_pdbx_struct_oper_list.name 
_pdbx_struct_oper_list.symmetry_operation 
_pdbx_struct_oper_list.matrix[1][1] 
_pdbx_struct_oper_list.matrix[1][2] 
_pdbx_struct_oper_list.matrix[1][3] 
_pdbx_struct_oper_list.vector[1] 
_pdbx_struct_oper_list.matrix[2][1] 
_pdbx_struct_oper_list.matrix[2][2] 
_pdbx_struct_oper_list.matrix[2][3] 
_pdbx_struct_oper_list.vector[2] 
_pdbx_struct_oper_list.matrix[3][1] 
_pdbx_struct_oper_list.matrix[3][2] 
_pdbx_struct_oper_list.matrix[3][3] 
_pdbx_struct_oper_list.vector[3] 
1 'identity operation'         1_555 x,y,z       1.0000000000  0.0000000000  0.0000000000  0.0000000000   0.0000000000  1.0000000000 0.0000000000  0.0000000000  0.0000000000  0.0000000000  1.0000000000  0.0000000000   
2 'crystal symmetry operation' 2_545 -y,x-y-1,z  -0.4998650931 0.5006440513  0.7067463637  -3.8644472138  -0.4771621788 0.5218125812 -0.7071264987 -7.0852625519 -0.7228078194 -0.6907004879 -0.0219474882 -10.4235827686 
3 'crystal symmetry operation' 3_655 -x+y+1,-x,z -0.4998650931 -0.4771621788 -0.7228078194 -12.8467687149 0.5006440513  0.5218125812 -0.6907004879 -1.5676820537 0.7067463637  -0.7071264987 -0.0219474882 -2.5077643442 
# 
loop_
_struct_conf.conf_type_id 
_struct_conf.id 
_struct_conf.pdbx_PDB_helix_id 
_struct_conf.beg_label_comp_id 
_struct_conf.beg_label_asym_id 
_struct_conf.beg_label_seq_id 
_struct_conf.pdbx_beg_PDB_ins_code 
_struct_conf.end_label_comp_id 
_struct_conf.end_label_asym_id 
_struct_conf.end_label_seq_id 
_struct_conf.pdbx_end_PDB_ins_code 
_struct_conf.beg_auth_comp_id 
_struct_conf.beg_auth_asym_id 
_struct_conf.beg_auth_seq_id 
_struct_conf.end_auth_comp_id 
_struct_conf.end_auth_asym_id 
_struct_conf.end_auth_seq_id 
_struct_conf.pdbx_PDB_helix_class 
_struct_conf.details 
_struct_conf.pdbx_PDB_helix_length 
HELX_P HELX_P1 AA1 LYS A 3  ? GLU A 33 ? LYS A 18 GLU A 48 1 ? 31 
HELX_P HELX_P2 AA2 ASP A 40 ? ASN A 57 ? ASP A 55 ASN A 72 1 ? 18 
# 
_struct_conf_type.id          HELX_P 
_struct_conf_type.criteria    ? 
_struct_conf_type.reference   ? 
# 
_struct_site.id                   AC1 
_struct_site.pdbx_evidence_code   Software 
_struct_site.pdbx_auth_asym_id    A 
_struct_site.pdbx_auth_comp_id    PO4 
_struct_site.pdbx_auth_seq_id     101 
_struct_site.pdbx_auth_ins_code   ? 
_struct_site.pdbx_num_residues    6 
_struct_site.details              'binding site for residue PO4 A 101' 
# 
loop_
_struct_site_gen.id 
_struct_site_gen.site_id 
_struct_site_gen.pdbx_num_res 
_struct_site_gen.label_comp_id 
_struct_site_gen.label_asym_id 
_struct_site_gen.label_seq_id 
_struct_site_gen.pdbx_auth_ins_code 
_struct_site_gen.auth_comp_id 
_struct_site_gen.auth_asym_id 
_struct_site_gen.auth_seq_id 
_struct_site_gen.label_atom_id 
_struct_site_gen.label_alt_id 
_struct_site_gen.symmetry 
_struct_site_gen.details 
1 AC1 6 ARG A 51 ? ARG A 66 . ? 1_555 ? 
2 AC1 6 ARG A 51 ? ARG A 66 . ? 2_655 ? 
3 AC1 6 ARG A 51 ? ARG A 66 . ? 3_665 ? 
4 AC1 6 LYS A 55 ? LYS A 70 . ? 3_665 ? 
5 AC1 6 LYS A 55 ? LYS A 70 . ? 2_655 ? 
6 AC1 6 LYS A 55 ? LYS A 70 . ? 1_555 ? 
# 
_pdbx_struct_special_symmetry.id              1 
_pdbx_struct_special_symmetry.PDB_model_num   1 
_pdbx_struct_special_symmetry.auth_asym_id    A 
_pdbx_struct_special_symmetry.auth_comp_id    PO4 
_pdbx_struct_special_symmetry.auth_seq_id     101 
_pdbx_struct_special_symmetry.PDB_ins_code    ? 
_pdbx_struct_special_symmetry.label_asym_id   B 
_pdbx_struct_special_symmetry.label_comp_id   PO4 
_pdbx_struct_special_symmetry.label_seq_id    . 
# 
_pdbx_entry_details.entry_id                 6Z2T 
_pdbx_entry_details.has_ligand_of_interest   N 
_pdbx_entry_details.compound_details         ? 
_pdbx_entry_details.source_details           ? 
_pdbx_entry_details.nonpolymer_details       ? 
_pdbx_entry_details.sequence_details         ? 
# 
_pdbx_unobs_or_zero_occ_residues.id               1 
_pdbx_unobs_or_zero_occ_residues.PDB_model_num    1 
_pdbx_unobs_or_zero_occ_residues.polymer_flag     Y 
_pdbx_unobs_or_zero_occ_residues.occupancy_flag   1 
_pdbx_unobs_or_zero_occ_residues.auth_asym_id     A 
_pdbx_unobs_or_zero_occ_residues.auth_comp_id     ALA 
_pdbx_unobs_or_zero_occ_residues.auth_seq_id      73 
_pdbx_unobs_or_zero_occ_residues.PDB_ins_code     ? 
_pdbx_unobs_or_zero_occ_residues.label_asym_id    A 
_pdbx_unobs_or_zero_occ_residues.label_comp_id    ALA 
_pdbx_unobs_or_zero_occ_residues.label_seq_id     58 
# 
loop_
_chem_comp_atom.comp_id 
_chem_comp_atom.atom_id 
_chem_comp_atom.type_symbol 
_chem_comp_atom.pdbx_aromatic_flag 
_chem_comp_atom.pdbx_stereo_config 
_chem_comp_atom.pdbx_ordinal 
ALA N    N N N 1   
ALA CA   C N S 2   
ALA C    C N N 3   
ALA O    O N N 4   
ALA CB   C N N 5   
ALA OXT  O N N 6   
ALA H    H N N 7   
ALA H2   H N N 8   
ALA HA   H N N 9   
ALA HB1  H N N 10  
ALA HB2  H N N 11  
ALA HB3  H N N 12  
ALA HXT  H N N 13  
ARG N    N N N 14  
ARG CA   C N S 15  
ARG C    C N N 16  
ARG O    O N N 17  
ARG CB   C N N 18  
ARG CG   C N N 19  
ARG CD   C N N 20  
ARG NE   N N N 21  
ARG CZ   C N N 22  
ARG NH1  N N N 23  
ARG NH2  N N N 24  
ARG OXT  O N N 25  
ARG H    H N N 26  
ARG H2   H N N 27  
ARG HA   H N N 28  
ARG HB2  H N N 29  
ARG HB3  H N N 30  
ARG HG2  H N N 31  
ARG HG3  H N N 32  
ARG HD2  H N N 33  
ARG HD3  H N N 34  
ARG HE   H N N 35  
ARG HH11 H N N 36  
ARG HH12 H N N 37  
ARG HH21 H N N 38  
ARG HH22 H N N 39  
ARG HXT  H N N 40  
ASN N    N N N 41  
ASN CA   C N S 42  
ASN C    C N N 43  
ASN O    O N N 44  
ASN CB   C N N 45  
ASN CG   C N N 46  
ASN OD1  O N N 47  
ASN ND2  N N N 48  
ASN OXT  O N N 49  
ASN H    H N N 50  
ASN H2   H N N 51  
ASN HA   H N N 52  
ASN HB2  H N N 53  
ASN HB3  H N N 54  
ASN HD21 H N N 55  
ASN HD22 H N N 56  
ASN HXT  H N N 57  
ASP N    N N N 58  
ASP CA   C N S 59  
ASP C    C N N 60  
ASP O    O N N 61  
ASP CB   C N N 62  
ASP CG   C N N 63  
ASP OD1  O N N 64  
ASP OD2  O N N 65  
ASP OXT  O N N 66  
ASP H    H N N 67  
ASP H2   H N N 68  
ASP HA   H N N 69  
ASP HB2  H N N 70  
ASP HB3  H N N 71  
ASP HD2  H N N 72  
ASP HXT  H N N 73  
GLN N    N N N 74  
GLN CA   C N S 75  
GLN C    C N N 76  
GLN O    O N N 77  
GLN CB   C N N 78  
GLN CG   C N N 79  
GLN CD   C N N 80  
GLN OE1  O N N 81  
GLN NE2  N N N 82  
GLN OXT  O N N 83  
GLN H    H N N 84  
GLN H2   H N N 85  
GLN HA   H N N 86  
GLN HB2  H N N 87  
GLN HB3  H N N 88  
GLN HG2  H N N 89  
GLN HG3  H N N 90  
GLN HE21 H N N 91  
GLN HE22 H N N 92  
GLN HXT  H N N 93  
GLU N    N N N 94  
GLU CA   C N S 95  
GLU C    C N N 96  
GLU O    O N N 97  
GLU CB   C N N 98  
GLU CG   C N N 99  
GLU CD   C N N 100 
GLU OE1  O N N 101 
GLU OE2  O N N 102 
GLU OXT  O N N 103 
GLU H    H N N 104 
GLU H2   H N N 105 
GLU HA   H N N 106 
GLU HB2  H N N 107 
GLU HB3  H N N 108 
GLU HG2  H N N 109 
GLU HG3  H N N 110 
GLU HE2  H N N 111 
GLU HXT  H N N 112 
GLY N    N N N 113 
GLY CA   C N N 114 
GLY C    C N N 115 
GLY O    O N N 116 
GLY OXT  O N N 117 
GLY H    H N N 118 
GLY H2   H N N 119 
GLY HA2  H N N 120 
GLY HA3  H N N 121 
GLY HXT  H N N 122 
HIS N    N N N 123 
HIS CA   C N S 124 
HIS C    C N N 125 
HIS O    O N N 126 
HIS CB   C N N 127 
HIS CG   C Y N 128 
HIS ND1  N Y N 129 
HIS CD2  C Y N 130 
HIS CE1  C Y N 131 
HIS NE2  N Y N 132 
HIS OXT  O N N 133 
HIS H    H N N 134 
HIS H2   H N N 135 
HIS HA   H N N 136 
HIS HB2  H N N 137 
HIS HB3  H N N 138 
HIS HD1  H N N 139 
HIS HD2  H N N 140 
HIS HE1  H N N 141 
HIS HE2  H N N 142 
HIS HXT  H N N 143 
HOH O    O N N 144 
HOH H1   H N N 145 
HOH H2   H N N 146 
ILE N    N N N 147 
ILE CA   C N S 148 
ILE C    C N N 149 
ILE O    O N N 150 
ILE CB   C N S 151 
ILE CG1  C N N 152 
ILE CG2  C N N 153 
ILE CD1  C N N 154 
ILE OXT  O N N 155 
ILE H    H N N 156 
ILE H2   H N N 157 
ILE HA   H N N 158 
ILE HB   H N N 159 
ILE HG12 H N N 160 
ILE HG13 H N N 161 
ILE HG21 H N N 162 
ILE HG22 H N N 163 
ILE HG23 H N N 164 
ILE HD11 H N N 165 
ILE HD12 H N N 166 
ILE HD13 H N N 167 
ILE HXT  H N N 168 
LEU N    N N N 169 
LEU CA   C N S 170 
LEU C    C N N 171 
LEU O    O N N 172 
LEU CB   C N N 173 
LEU CG   C N N 174 
LEU CD1  C N N 175 
LEU CD2  C N N 176 
LEU OXT  O N N 177 
LEU H    H N N 178 
LEU H2   H N N 179 
LEU HA   H N N 180 
LEU HB2  H N N 181 
LEU HB3  H N N 182 
LEU HG   H N N 183 
LEU HD11 H N N 184 
LEU HD12 H N N 185 
LEU HD13 H N N 186 
LEU HD21 H N N 187 
LEU HD22 H N N 188 
LEU HD23 H N N 189 
LEU HXT  H N N 190 
LYS N    N N N 191 
LYS CA   C N S 192 
LYS C    C N N 193 
LYS O    O N N 194 
LYS CB   C N N 195 
LYS CG   C N N 196 
LYS CD   C N N 197 
LYS CE   C N N 198 
LYS NZ   N N N 199 
LYS OXT  O N N 200 
LYS H    H N N 201 
LYS H2   H N N 202 
LYS HA   H N N 203 
LYS HB2  H N N 204 
LYS HB3  H N N 205 
LYS HG2  H N N 206 
LYS HG3  H N N 207 
LYS HD2  H N N 208 
LYS HD3  H N N 209 
LYS HE2  H N N 210 
LYS HE3  H N N 211 
LYS HZ1  H N N 212 
LYS HZ2  H N N 213 
LYS HZ3  H N N 214 
LYS HXT  H N N 215 
MET N    N N N 216 
MET CA   C N S 217 
MET C    C N N 218 
MET O    O N N 219 
MET CB   C N N 220 
MET CG   C N N 221 
MET SD   S N N 222 
MET CE   C N N 223 
MET OXT  O N N 224 
MET H    H N N 225 
MET H2   H N N 226 
MET HA   H N N 227 
MET HB2  H N N 228 
MET HB3  H N N 229 
MET HG2  H N N 230 
MET HG3  H N N 231 
MET HE1  H N N 232 
MET HE2  H N N 233 
MET HE3  H N N 234 
MET HXT  H N N 235 
PHE N    N N N 236 
PHE CA   C N S 237 
PHE C    C N N 238 
PHE O    O N N 239 
PHE CB   C N N 240 
PHE CG   C Y N 241 
PHE CD1  C Y N 242 
PHE CD2  C Y N 243 
PHE CE1  C Y N 244 
PHE CE2  C Y N 245 
PHE CZ   C Y N 246 
PHE OXT  O N N 247 
PHE H    H N N 248 
PHE H2   H N N 249 
PHE HA   H N N 250 
PHE HB2  H N N 251 
PHE HB3  H N N 252 
PHE HD1  H N N 253 
PHE HD2  H N N 254 
PHE HE1  H N N 255 
PHE HE2  H N N 256 
PHE HZ   H N N 257 
PHE HXT  H N N 258 
PO4 P    P N N 259 
PO4 O1   O N N 260 
PO4 O2   O N N 261 
PO4 O3   O N N 262 
PO4 O4   O N N 263 
SER N    N N N 264 
SER CA   C N S 265 
SER C    C N N 266 
SER O    O N N 267 
SER CB   C N N 268 
SER OG   O N N 269 
SER OXT  O N N 270 
SER H    H N N 271 
SER H2   H N N 272 
SER HA   H N N 273 
SER HB2  H N N 274 
SER HB3  H N N 275 
SER HG   H N N 276 
SER HXT  H N N 277 
THR N    N N N 278 
THR CA   C N S 279 
THR C    C N N 280 
THR O    O N N 281 
THR CB   C N R 282 
THR OG1  O N N 283 
THR CG2  C N N 284 
THR OXT  O N N 285 
THR H    H N N 286 
THR H2   H N N 287 
THR HA   H N N 288 
THR HB   H N N 289 
THR HG1  H N N 290 
THR HG21 H N N 291 
THR HG22 H N N 292 
THR HG23 H N N 293 
THR HXT  H N N 294 
TRP N    N N N 295 
TRP CA   C N S 296 
TRP C    C N N 297 
TRP O    O N N 298 
TRP CB   C N N 299 
TRP CG   C Y N 300 
TRP CD1  C Y N 301 
TRP CD2  C Y N 302 
TRP NE1  N Y N 303 
TRP CE2  C Y N 304 
TRP CE3  C Y N 305 
TRP CZ2  C Y N 306 
TRP CZ3  C Y N 307 
TRP CH2  C Y N 308 
TRP OXT  O N N 309 
TRP H    H N N 310 
TRP H2   H N N 311 
TRP HA   H N N 312 
TRP HB2  H N N 313 
TRP HB3  H N N 314 
TRP HD1  H N N 315 
TRP HE1  H N N 316 
TRP HE3  H N N 317 
TRP HZ2  H N N 318 
TRP HZ3  H N N 319 
TRP HH2  H N N 320 
TRP HXT  H N N 321 
TYR N    N N N 322 
TYR CA   C N S 323 
TYR C    C N N 324 
TYR O    O N N 325 
TYR CB   C N N 326 
TYR CG   C Y N 327 
TYR CD1  C Y N 328 
TYR CD2  C Y N 329 
TYR CE1  C Y N 330 
TYR CE2  C Y N 331 
TYR CZ   C Y N 332 
TYR OH   O N N 333 
TYR OXT  O N N 334 
TYR H    H N N 335 
TYR H2   H N N 336 
TYR HA   H N N 337 
TYR HB2  H N N 338 
TYR HB3  H N N 339 
TYR HD1  H N N 340 
TYR HD2  H N N 341 
TYR HE1  H N N 342 
TYR HE2  H N N 343 
TYR HH   H N N 344 
TYR HXT  H N N 345 
VAL N    N N N 346 
VAL CA   C N S 347 
VAL C    C N N 348 
VAL O    O N N 349 
VAL CB   C N N 350 
VAL CG1  C N N 351 
VAL CG2  C N N 352 
VAL OXT  O N N 353 
VAL H    H N N 354 
VAL H2   H N N 355 
VAL HA   H N N 356 
VAL HB   H N N 357 
VAL HG11 H N N 358 
VAL HG12 H N N 359 
VAL HG13 H N N 360 
VAL HG21 H N N 361 
VAL HG22 H N N 362 
VAL HG23 H N N 363 
VAL HXT  H N N 364 
# 
loop_
_chem_comp_bond.comp_id 
_chem_comp_bond.atom_id_1 
_chem_comp_bond.atom_id_2 
_chem_comp_bond.value_order 
_chem_comp_bond.pdbx_aromatic_flag 
_chem_comp_bond.pdbx_stereo_config 
_chem_comp_bond.pdbx_ordinal 
ALA N   CA   sing N N 1   
ALA N   H    sing N N 2   
ALA N   H2   sing N N 3   
ALA CA  C    sing N N 4   
ALA CA  CB   sing N N 5   
ALA CA  HA   sing N N 6   
ALA C   O    doub N N 7   
ALA C   OXT  sing N N 8   
ALA CB  HB1  sing N N 9   
ALA CB  HB2  sing N N 10  
ALA CB  HB3  sing N N 11  
ALA OXT HXT  sing N N 12  
ARG N   CA   sing N N 13  
ARG N   H    sing N N 14  
ARG N   H2   sing N N 15  
ARG CA  C    sing N N 16  
ARG CA  CB   sing N N 17  
ARG CA  HA   sing N N 18  
ARG C   O    doub N N 19  
ARG C   OXT  sing N N 20  
ARG CB  CG   sing N N 21  
ARG CB  HB2  sing N N 22  
ARG CB  HB3  sing N N 23  
ARG CG  CD   sing N N 24  
ARG CG  HG2  sing N N 25  
ARG CG  HG3  sing N N 26  
ARG CD  NE   sing N N 27  
ARG CD  HD2  sing N N 28  
ARG CD  HD3  sing N N 29  
ARG NE  CZ   sing N N 30  
ARG NE  HE   sing N N 31  
ARG CZ  NH1  sing N N 32  
ARG CZ  NH2  doub N N 33  
ARG NH1 HH11 sing N N 34  
ARG NH1 HH12 sing N N 35  
ARG NH2 HH21 sing N N 36  
ARG NH2 HH22 sing N N 37  
ARG OXT HXT  sing N N 38  
ASN N   CA   sing N N 39  
ASN N   H    sing N N 40  
ASN N   H2   sing N N 41  
ASN CA  C    sing N N 42  
ASN CA  CB   sing N N 43  
ASN CA  HA   sing N N 44  
ASN C   O    doub N N 45  
ASN C   OXT  sing N N 46  
ASN CB  CG   sing N N 47  
ASN CB  HB2  sing N N 48  
ASN CB  HB3  sing N N 49  
ASN CG  OD1  doub N N 50  
ASN CG  ND2  sing N N 51  
ASN ND2 HD21 sing N N 52  
ASN ND2 HD22 sing N N 53  
ASN OXT HXT  sing N N 54  
ASP N   CA   sing N N 55  
ASP N   H    sing N N 56  
ASP N   H2   sing N N 57  
ASP CA  C    sing N N 58  
ASP CA  CB   sing N N 59  
ASP CA  HA   sing N N 60  
ASP C   O    doub N N 61  
ASP C   OXT  sing N N 62  
ASP CB  CG   sing N N 63  
ASP CB  HB2  sing N N 64  
ASP CB  HB3  sing N N 65  
ASP CG  OD1  doub N N 66  
ASP CG  OD2  sing N N 67  
ASP OD2 HD2  sing N N 68  
ASP OXT HXT  sing N N 69  
GLN N   CA   sing N N 70  
GLN N   H    sing N N 71  
GLN N   H2   sing N N 72  
GLN CA  C    sing N N 73  
GLN CA  CB   sing N N 74  
GLN CA  HA   sing N N 75  
GLN C   O    doub N N 76  
GLN C   OXT  sing N N 77  
GLN CB  CG   sing N N 78  
GLN CB  HB2  sing N N 79  
GLN CB  HB3  sing N N 80  
GLN CG  CD   sing N N 81  
GLN CG  HG2  sing N N 82  
GLN CG  HG3  sing N N 83  
GLN CD  OE1  doub N N 84  
GLN CD  NE2  sing N N 85  
GLN NE2 HE21 sing N N 86  
GLN NE2 HE22 sing N N 87  
GLN OXT HXT  sing N N 88  
GLU N   CA   sing N N 89  
GLU N   H    sing N N 90  
GLU N   H2   sing N N 91  
GLU CA  C    sing N N 92  
GLU CA  CB   sing N N 93  
GLU CA  HA   sing N N 94  
GLU C   O    doub N N 95  
GLU C   OXT  sing N N 96  
GLU CB  CG   sing N N 97  
GLU CB  HB2  sing N N 98  
GLU CB  HB3  sing N N 99  
GLU CG  CD   sing N N 100 
GLU CG  HG2  sing N N 101 
GLU CG  HG3  sing N N 102 
GLU CD  OE1  doub N N 103 
GLU CD  OE2  sing N N 104 
GLU OE2 HE2  sing N N 105 
GLU OXT HXT  sing N N 106 
GLY N   CA   sing N N 107 
GLY N   H    sing N N 108 
GLY N   H2   sing N N 109 
GLY CA  C    sing N N 110 
GLY CA  HA2  sing N N 111 
GLY CA  HA3  sing N N 112 
GLY C   O    doub N N 113 
GLY C   OXT  sing N N 114 
GLY OXT HXT  sing N N 115 
HIS N   CA   sing N N 116 
HIS N   H    sing N N 117 
HIS N   H2   sing N N 118 
HIS CA  C    sing N N 119 
HIS CA  CB   sing N N 120 
HIS CA  HA   sing N N 121 
HIS C   O    doub N N 122 
HIS C   OXT  sing N N 123 
HIS CB  CG   sing N N 124 
HIS CB  HB2  sing N N 125 
HIS CB  HB3  sing N N 126 
HIS CG  ND1  sing Y N 127 
HIS CG  CD2  doub Y N 128 
HIS ND1 CE1  doub Y N 129 
HIS ND1 HD1  sing N N 130 
HIS CD2 NE2  sing Y N 131 
HIS CD2 HD2  sing N N 132 
HIS CE1 NE2  sing Y N 133 
HIS CE1 HE1  sing N N 134 
HIS NE2 HE2  sing N N 135 
HIS OXT HXT  sing N N 136 
HOH O   H1   sing N N 137 
HOH O   H2   sing N N 138 
ILE N   CA   sing N N 139 
ILE N   H    sing N N 140 
ILE N   H2   sing N N 141 
ILE CA  C    sing N N 142 
ILE CA  CB   sing N N 143 
ILE CA  HA   sing N N 144 
ILE C   O    doub N N 145 
ILE C   OXT  sing N N 146 
ILE CB  CG1  sing N N 147 
ILE CB  CG2  sing N N 148 
ILE CB  HB   sing N N 149 
ILE CG1 CD1  sing N N 150 
ILE CG1 HG12 sing N N 151 
ILE CG1 HG13 sing N N 152 
ILE CG2 HG21 sing N N 153 
ILE CG2 HG22 sing N N 154 
ILE CG2 HG23 sing N N 155 
ILE CD1 HD11 sing N N 156 
ILE CD1 HD12 sing N N 157 
ILE CD1 HD13 sing N N 158 
ILE OXT HXT  sing N N 159 
LEU N   CA   sing N N 160 
LEU N   H    sing N N 161 
LEU N   H2   sing N N 162 
LEU CA  C    sing N N 163 
LEU CA  CB   sing N N 164 
LEU CA  HA   sing N N 165 
LEU C   O    doub N N 166 
LEU C   OXT  sing N N 167 
LEU CB  CG   sing N N 168 
LEU CB  HB2  sing N N 169 
LEU CB  HB3  sing N N 170 
LEU CG  CD1  sing N N 171 
LEU CG  CD2  sing N N 172 
LEU CG  HG   sing N N 173 
LEU CD1 HD11 sing N N 174 
LEU CD1 HD12 sing N N 175 
LEU CD1 HD13 sing N N 176 
LEU CD2 HD21 sing N N 177 
LEU CD2 HD22 sing N N 178 
LEU CD2 HD23 sing N N 179 
LEU OXT HXT  sing N N 180 
LYS N   CA   sing N N 181 
LYS N   H    sing N N 182 
LYS N   H2   sing N N 183 
LYS CA  C    sing N N 184 
LYS CA  CB   sing N N 185 
LYS CA  HA   sing N N 186 
LYS C   O    doub N N 187 
LYS C   OXT  sing N N 188 
LYS CB  CG   sing N N 189 
LYS CB  HB2  sing N N 190 
LYS CB  HB3  sing N N 191 
LYS CG  CD   sing N N 192 
LYS CG  HG2  sing N N 193 
LYS CG  HG3  sing N N 194 
LYS CD  CE   sing N N 195 
LYS CD  HD2  sing N N 196 
LYS CD  HD3  sing N N 197 
LYS CE  NZ   sing N N 198 
LYS CE  HE2  sing N N 199 
LYS CE  HE3  sing N N 200 
LYS NZ  HZ1  sing N N 201 
LYS NZ  HZ2  sing N N 202 
LYS NZ  HZ3  sing N N 203 
LYS OXT HXT  sing N N 204 
MET N   CA   sing N N 205 
MET N   H    sing N N 206 
MET N   H2   sing N N 207 
MET CA  C    sing N N 208 
MET CA  CB   sing N N 209 
MET CA  HA   sing N N 210 
MET C   O    doub N N 211 
MET C   OXT  sing N N 212 
MET CB  CG   sing N N 213 
MET CB  HB2  sing N N 214 
MET CB  HB3  sing N N 215 
MET CG  SD   sing N N 216 
MET CG  HG2  sing N N 217 
MET CG  HG3  sing N N 218 
MET SD  CE   sing N N 219 
MET CE  HE1  sing N N 220 
MET CE  HE2  sing N N 221 
MET CE  HE3  sing N N 222 
MET OXT HXT  sing N N 223 
PHE N   CA   sing N N 224 
PHE N   H    sing N N 225 
PHE N   H2   sing N N 226 
PHE CA  C    sing N N 227 
PHE CA  CB   sing N N 228 
PHE CA  HA   sing N N 229 
PHE C   O    doub N N 230 
PHE C   OXT  sing N N 231 
PHE CB  CG   sing N N 232 
PHE CB  HB2  sing N N 233 
PHE CB  HB3  sing N N 234 
PHE CG  CD1  doub Y N 235 
PHE CG  CD2  sing Y N 236 
PHE CD1 CE1  sing Y N 237 
PHE CD1 HD1  sing N N 238 
PHE CD2 CE2  doub Y N 239 
PHE CD2 HD2  sing N N 240 
PHE CE1 CZ   doub Y N 241 
PHE CE1 HE1  sing N N 242 
PHE CE2 CZ   sing Y N 243 
PHE CE2 HE2  sing N N 244 
PHE CZ  HZ   sing N N 245 
PHE OXT HXT  sing N N 246 
PO4 P   O1   doub N N 247 
PO4 P   O2   sing N N 248 
PO4 P   O3   sing N N 249 
PO4 P   O4   sing N N 250 
SER N   CA   sing N N 251 
SER N   H    sing N N 252 
SER N   H2   sing N N 253 
SER CA  C    sing N N 254 
SER CA  CB   sing N N 255 
SER CA  HA   sing N N 256 
SER C   O    doub N N 257 
SER C   OXT  sing N N 258 
SER CB  OG   sing N N 259 
SER CB  HB2  sing N N 260 
SER CB  HB3  sing N N 261 
SER OG  HG   sing N N 262 
SER OXT HXT  sing N N 263 
THR N   CA   sing N N 264 
THR N   H    sing N N 265 
THR N   H2   sing N N 266 
THR CA  C    sing N N 267 
THR CA  CB   sing N N 268 
THR CA  HA   sing N N 269 
THR C   O    doub N N 270 
THR C   OXT  sing N N 271 
THR CB  OG1  sing N N 272 
THR CB  CG2  sing N N 273 
THR CB  HB   sing N N 274 
THR OG1 HG1  sing N N 275 
THR CG2 HG21 sing N N 276 
THR CG2 HG22 sing N N 277 
THR CG2 HG23 sing N N 278 
THR OXT HXT  sing N N 279 
TRP N   CA   sing N N 280 
TRP N   H    sing N N 281 
TRP N   H2   sing N N 282 
TRP CA  C    sing N N 283 
TRP CA  CB   sing N N 284 
TRP CA  HA   sing N N 285 
TRP C   O    doub N N 286 
TRP C   OXT  sing N N 287 
TRP CB  CG   sing N N 288 
TRP CB  HB2  sing N N 289 
TRP CB  HB3  sing N N 290 
TRP CG  CD1  doub Y N 291 
TRP CG  CD2  sing Y N 292 
TRP CD1 NE1  sing Y N 293 
TRP CD1 HD1  sing N N 294 
TRP CD2 CE2  doub Y N 295 
TRP CD2 CE3  sing Y N 296 
TRP NE1 CE2  sing Y N 297 
TRP NE1 HE1  sing N N 298 
TRP CE2 CZ2  sing Y N 299 
TRP CE3 CZ3  doub Y N 300 
TRP CE3 HE3  sing N N 301 
TRP CZ2 CH2  doub Y N 302 
TRP CZ2 HZ2  sing N N 303 
TRP CZ3 CH2  sing Y N 304 
TRP CZ3 HZ3  sing N N 305 
TRP CH2 HH2  sing N N 306 
TRP OXT HXT  sing N N 307 
TYR N   CA   sing N N 308 
TYR N   H    sing N N 309 
TYR N   H2   sing N N 310 
TYR CA  C    sing N N 311 
TYR CA  CB   sing N N 312 
TYR CA  HA   sing N N 313 
TYR C   O    doub N N 314 
TYR C   OXT  sing N N 315 
TYR CB  CG   sing N N 316 
TYR CB  HB2  sing N N 317 
TYR CB  HB3  sing N N 318 
TYR CG  CD1  doub Y N 319 
TYR CG  CD2  sing Y N 320 
TYR CD1 CE1  sing Y N 321 
TYR CD1 HD1  sing N N 322 
TYR CD2 CE2  doub Y N 323 
TYR CD2 HD2  sing N N 324 
TYR CE1 CZ   doub Y N 325 
TYR CE1 HE1  sing N N 326 
TYR CE2 CZ   sing Y N 327 
TYR CE2 HE2  sing N N 328 
TYR CZ  OH   sing N N 329 
TYR OH  HH   sing N N 330 
TYR OXT HXT  sing N N 331 
VAL N   CA   sing N N 332 
VAL N   H    sing N N 333 
VAL N   H2   sing N N 334 
VAL CA  C    sing N N 335 
VAL CA  CB   sing N N 336 
VAL CA  HA   sing N N 337 
VAL C   O    doub N N 338 
VAL C   OXT  sing N N 339 
VAL CB  CG1  sing N N 340 
VAL CB  CG2  sing N N 341 
VAL CB  HB   sing N N 342 
VAL CG1 HG11 sing N N 343 
VAL CG1 HG12 sing N N 344 
VAL CG1 HG13 sing N N 345 
VAL CG2 HG21 sing N N 346 
VAL CG2 HG22 sing N N 347 
VAL CG2 HG23 sing N N 348 
VAL OXT HXT  sing N N 349 
# 
_pdbx_initial_refinement_model.id               1 
_pdbx_initial_refinement_model.entity_id_list   ? 
_pdbx_initial_refinement_model.type             'experimental model' 
_pdbx_initial_refinement_model.source_name      PDB 
_pdbx_initial_refinement_model.accession_code   6GOL 
_pdbx_initial_refinement_model.details          ? 
# 
_atom_sites.entry_id                    6Z2T 
_atom_sites.Cartn_transf_matrix[1][1]   ? 
_atom_sites.Cartn_transf_matrix[1][2]   ? 
_atom_sites.Cartn_transf_matrix[1][3]   ? 
_atom_sites.Cartn_transf_matrix[2][1]   ? 
_atom_sites.Cartn_transf_matrix[2][2]   ? 
_atom_sites.Cartn_transf_matrix[2][3]   ? 
_atom_sites.Cartn_transf_matrix[3][1]   ? 
_atom_sites.Cartn_transf_matrix[3][2]   ? 
_atom_sites.Cartn_transf_matrix[3][3]   ? 
_atom_sites.Cartn_transf_vector[1]      ? 
_atom_sites.Cartn_transf_vector[2]      ? 
_atom_sites.Cartn_transf_vector[3]      ? 
_atom_sites.fract_transf_matrix[1][1]   -0.01506300 
_atom_sites.fract_transf_matrix[1][2]   0.01566874 
_atom_sites.fract_transf_matrix[1][3]   0.02265468 
_atom_sites.fract_transf_matrix[2][1]   0.01632254 
_atom_sites.fract_transf_matrix[2][2]   0.01501257 
_atom_sites.fract_transf_matrix[2][3]   0.02222259 
_atom_sites.fract_transf_matrix[3][1]   0.00005693 
_atom_sites.fract_transf_matrix[3][2]   0.00495460 
_atom_sites.fract_transf_matrix[3][3]   -0.00338891 
_atom_sites.fract_transf_vector[1]      0.392282 
_atom_sites.fract_transf_vector[2]      -0.103322 
_atom_sites.fract_transf_vector[3]      1.114417 
_atom_sites.solution_primary            ? 
_atom_sites.solution_secondary          ? 
_atom_sites.solution_hydrogens          ? 
_atom_sites.special_details             ? 
# 
loop_
_atom_type.symbol 
C 
N 
O 
P 
S 
# 
loop_
_atom_site.group_PDB 
_atom_site.id 
_atom_site.type_symbol 
_atom_site.label_atom_id 
_atom_site.label_alt_id 
_atom_site.label_comp_id 
_atom_site.label_asym_id 
_atom_site.label_entity_id 
_atom_site.label_seq_id 
_atom_site.pdbx_PDB_ins_code 
_atom_site.Cartn_x 
_atom_site.Cartn_y 
_atom_site.Cartn_z 
_atom_site.occupancy 
_atom_site.B_iso_or_equiv 
_atom_site.pdbx_formal_charge 
_atom_site.auth_seq_id 
_atom_site.auth_comp_id 
_atom_site.auth_asym_id 
_atom_site.auth_atom_id 
_atom_site.pdbx_PDB_model_num 
ATOM   1   N N   . MET A 1 1  ? 6.245   -32.210 7.334   1.00 26.03 ? 16  MET A N   1 
ATOM   2   C CA  . MET A 1 1  ? 4.779   -31.984 7.107   1.00 24.06 ? 16  MET A CA  1 
ATOM   3   C C   . MET A 1 1  ? 4.509   -30.488 6.870   1.00 26.47 ? 16  MET A C   1 
ATOM   4   O O   . MET A 1 1  ? 5.123   -29.653 7.556   1.00 27.88 ? 16  MET A O   1 
ATOM   5   C CB  . MET A 1 1  ? 3.962   -32.483 8.301   1.00 27.52 ? 16  MET A CB  1 
ATOM   6   C CG  . MET A 1 1  ? 2.500   -32.617 7.975   1.00 28.69 ? 16  MET A CG  1 
ATOM   7   S SD  . MET A 1 1  ? 1.518   -33.438 9.262   1.00 33.71 ? 16  MET A SD  1 
ATOM   8   C CE  . MET A 1 1  ? 1.724   -32.329 10.651  1.00 35.79 ? 16  MET A CE  1 
ATOM   9   N N   . GLU A 1 2  ? 3.611   -30.200 5.939   1.00 25.85 ? 17  GLU A N   1 
ATOM   10  C CA  . GLU A 1 2  ? 3.296   -28.826 5.466   1.00 27.65 ? 17  GLU A CA  1 
ATOM   11  C C   . GLU A 1 2  ? 2.750   -28.019 6.649   1.00 28.89 ? 17  GLU A C   1 
ATOM   12  O O   . GLU A 1 2  ? 1.826   -28.514 7.318   1.00 28.19 ? 17  GLU A O   1 
ATOM   13  C CB  . GLU A 1 2  ? 2.309   -28.945 4.311   1.00 27.25 ? 17  GLU A CB  1 
ATOM   14  C CG  . GLU A 1 2  ? 2.000   -27.633 3.593   1.00 30.28 ? 17  GLU A CG  1 
ATOM   15  C CD  . GLU A 1 2  ? 1.009   -27.791 2.449   1.00 31.16 ? 17  GLU A CD  1 
ATOM   16  O OE1 . GLU A 1 2  ? 0.855   -26.835 1.660   1.00 35.92 ? 17  GLU A OE1 1 
ATOM   17  O OE2 . GLU A 1 2  ? 0.393   -28.876 2.313   1.00 36.44 ? 17  GLU A OE2 1 
ATOM   18  N N   . LYS A 1 3  ? 3.272   -26.808 6.903   1.00 26.86 ? 18  LYS A N   1 
ATOM   19  C CA  . LYS A 1 3  ? 2.750   -25.907 7.966   1.00 27.79 ? 18  LYS A CA  1 
ATOM   20  C C   . LYS A 1 3  ? 1.672   -25.012 7.329   1.00 24.34 ? 18  LYS A C   1 
ATOM   21  O O   . LYS A 1 3  ? 1.939   -23.871 6.940   1.00 23.16 ? 18  LYS A O   1 
ATOM   22  C CB  . LYS A 1 3  ? 3.887   -25.129 8.608   1.00 32.82 ? 18  LYS A CB  1 
ATOM   23  C CG  . LYS A 1 3  ? 4.904   -26.007 9.329   1.00 37.04 ? 18  LYS A CG  1 
ATOM   24  C CD  . LYS A 1 3  ? 5.892   -25.190 10.121  1.00 41.69 ? 18  LYS A CD  1 
ATOM   25  C CE  . LYS A 1 3  ? 5.263   -24.514 11.320  1.00 45.72 ? 18  LYS A CE  1 
ATOM   26  N NZ  . LYS A 1 3  ? 5.691   -25.145 12.590  1.00 52.44 ? 18  LYS A NZ  1 
ATOM   27  N N   . ARG A 1 4  ? 0.478   -25.542 7.154   1.00 23.72 ? 19  ARG A N   1 
ATOM   28  C CA  . ARG A 1 4  ? -0.527  -24.913 6.298   1.00 22.30 ? 19  ARG A CA  1 
ATOM   29  C C   . ARG A 1 4  ? -0.919  -23.523 6.823   1.00 21.27 ? 19  ARG A C   1 
ATOM   30  O O   . ARG A 1 4  ? -1.091  -22.608 5.987   1.00 20.58 ? 19  ARG A O   1 
ATOM   31  C CB  . ARG A 1 4  ? -1.732  -25.832 6.156   1.00 24.11 ? 19  ARG A CB  1 
ATOM   32  C CG  . ARG A 1 4  ? -1.401  -27.080 5.341   1.00 28.52 ? 19  ARG A CG  1 
ATOM   33  C CD  . ARG A 1 4  ? -2.556  -28.048 5.363   1.00 31.74 ? 19  ARG A CD  1 
ATOM   34  N NE  . ARG A 1 4  ? -3.632  -27.603 4.492   1.00 37.30 ? 19  ARG A NE  1 
ATOM   35  C CZ  . ARG A 1 4  ? -4.910  -27.988 4.594   1.00 41.36 ? 19  ARG A CZ  1 
ATOM   36  N NH1 . ARG A 1 4  ? -5.290  -28.805 5.569   1.00 44.11 ? 19  ARG A NH1 1 
ATOM   37  N NH2 . ARG A 1 4  ? -5.811  -27.512 3.743   1.00 39.64 ? 19  ARG A NH2 1 
ATOM   38  N N   . ILE A 1 5  ? -1.116  -23.349 8.116   1.00 21.00 ? 20  ILE A N   1 
ATOM   39  C CA  . ILE A 1 5  ? -1.604  -22.044 8.620   1.00 22.42 ? 20  ILE A CA  1 
ATOM   40  C C   . ILE A 1 5  ? -0.468  -21.021 8.546   1.00 23.56 ? 20  ILE A C   1 
ATOM   41  O O   . ILE A 1 5  ? -0.715  -19.889 8.079   1.00 22.96 ? 20  ILE A O   1 
ATOM   42  C CB  . ILE A 1 5  ? -2.202  -22.158 10.028  1.00 25.47 ? 20  ILE A CB  1 
ATOM   43  C CG1 . ILE A 1 5  ? -3.420  -23.080 10.048  1.00 30.30 ? 20  ILE A CG1 1 
ATOM   44  C CG2 . ILE A 1 5  ? -2.558  -20.780 10.540  1.00 26.50 ? 20  ILE A CG2 1 
ATOM   45  C CD1 . ILE A 1 5  ? -3.818  -23.531 11.442  1.00 34.33 ? 20  ILE A CD1 1 
ATOM   46  N N   . GLU A 1 6  ? 0.750   -21.397 8.913   1.00 21.73 ? 21  GLU A N   1 
ATOM   47  C CA  . GLU A 1 6  ? 1.925   -20.498 8.837   1.00 24.49 ? 21  GLU A CA  1 
ATOM   48  C C   . GLU A 1 6  ? 2.122   -20.061 7.388   1.00 21.97 ? 21  GLU A C   1 
ATOM   49  O O   . GLU A 1 6  ? 2.404   -18.857 7.141   1.00 21.68 ? 21  GLU A O   1 
ATOM   50  C CB  . GLU A 1 6  ? 3.162   -21.232 9.328   1.00 25.43 ? 21  GLU A CB  1 
ATOM   51  C CG  . GLU A 1 6  ? 4.446   -20.435 9.180   1.00 31.18 ? 21  GLU A CG  1 
ATOM   52  C CD  . GLU A 1 6  ? 5.654   -21.154 9.770   1.00 35.27 ? 21  GLU A CD  1 
ATOM   53  O OE1 . GLU A 1 6  ? 6.587   -21.482 9.008   1.00 44.84 ? 21  GLU A OE1 1 
ATOM   54  O OE2 . GLU A 1 6  ? 5.646   -21.391 10.984  1.00 42.64 ? 21  GLU A OE2 1 
ATOM   55  N N   . ASN A 1 7  ? 2.006   -20.981 6.438   1.00 20.87 ? 22  ASN A N   1 
ATOM   56  C CA  . ASN A 1 7  ? 2.240   -20.675 5.014   1.00 22.34 ? 22  ASN A CA  1 
ATOM   57  C C   . ASN A 1 7  ? 1.120   -19.751 4.505   1.00 21.01 ? 22  ASN A C   1 
ATOM   58  O O   . ASN A 1 7  ? 1.415   -18.845 3.714   1.00 22.25 ? 22  ASN A O   1 
ATOM   59  C CB  . ASN A 1 7  ? 2.316   -21.944 4.167   1.00 24.04 ? 22  ASN A CB  1 
ATOM   60  C CG  . ASN A 1 7  ? 3.576   -22.733 4.428   1.00 25.03 ? 22  ASN A CG  1 
ATOM   61  O OD1 . ASN A 1 7  ? 4.505   -22.255 5.076   1.00 26.79 ? 22  ASN A OD1 1 
ATOM   62  N ND2 . ASN A 1 7  ? 3.564   -23.978 3.991   1.00 27.05 ? 22  ASN A ND2 1 
ATOM   63  N N   . LEU A 1 8  ? -0.130  -19.983 4.887   1.00 19.84 ? 23  LEU A N   1 
ATOM   64  C CA  . LEU A 1 8  ? -1.235  -19.116 4.419   1.00 20.28 ? 23  LEU A CA  1 
ATOM   65  C C   . LEU A 1 8  ? -1.092  -17.723 5.052   1.00 19.15 ? 23  LEU A C   1 
ATOM   66  O O   . LEU A 1 8  ? -1.257  -16.730 4.347   1.00 19.00 ? 23  LEU A O   1 
ATOM   67  C CB  . LEU A 1 8  ? -2.578  -19.783 4.702   1.00 21.23 ? 23  LEU A CB  1 
ATOM   68  C CG  . LEU A 1 8  ? -3.821  -18.995 4.258   1.00 22.61 ? 23  LEU A CG  1 
ATOM   69  C CD1 . LEU A 1 8  ? -3.779  -18.569 2.814   1.00 23.03 ? 23  LEU A CD1 1 
ATOM   70  C CD2 . LEU A 1 8  ? -5.053  -19.828 4.547   1.00 25.97 ? 23  LEU A CD2 1 
ATOM   71  N N   . ASN A 1 9  ? -0.656  -17.628 6.302   1.00 18.99 ? 24  ASN A N   1 
ATOM   72  C CA  . ASN A 1 9  ? -0.403  -16.317 6.935   1.00 21.09 ? 24  ASN A CA  1 
ATOM   73  C C   . ASN A 1 9  ? 0.699   -15.578 6.172   1.00 20.07 ? 24  ASN A C   1 
ATOM   74  O O   . ASN A 1 9  ? 0.568   -14.359 5.917   1.00 19.53 ? 24  ASN A O   1 
ATOM   75  C CB  . ASN A 1 9  ? -0.083  -16.474 8.406   1.00 21.93 ? 24  ASN A CB  1 
ATOM   76  C CG  . ASN A 1 9  ? 0.012   -15.143 9.095   1.00 27.18 ? 24  ASN A CG  1 
ATOM   77  O OD1 . ASN A 1 9  ? -0.990  -14.453 9.271   1.00 27.47 ? 24  ASN A OD1 1 
ATOM   78  N ND2 . ASN A 1 9  ? 1.225   -14.783 9.468   1.00 29.00 ? 24  ASN A ND2 1 
ATOM   79  N N   . LYS A 1 10 ? 1.774   -16.270 5.777   1.00 20.89 ? 25  LYS A N   1 
ATOM   80  C CA  . LYS A 1 10 ? 2.889   -15.638 5.034   1.00 22.61 ? 25  LYS A CA  1 
ATOM   81  C C   . LYS A 1 10 ? 2.380   -15.180 3.674   1.00 20.92 ? 25  LYS A C   1 
ATOM   82  O O   . LYS A 1 10 ? 2.761   -14.054 3.230   1.00 21.01 ? 25  LYS A O   1 
ATOM   83  C CB  . LYS A 1 10 ? 4.056   -16.615 4.844   1.00 25.82 ? 25  LYS A CB  1 
ATOM   84  C CG  . LYS A 1 10 ? 4.684   -17.092 6.145   1.00 38.29 ? 25  LYS A CG  1 
ATOM   85  C CD  . LYS A 1 10 ? 6.018   -16.478 6.541   1.00 44.36 ? 25  LYS A CD  1 
ATOM   86  C CE  . LYS A 1 10 ? 6.716   -17.267 7.636   1.00 45.18 ? 25  LYS A CE  1 
ATOM   87  N NZ  . LYS A 1 10 ? 7.136   -18.614 7.171   1.00 49.30 ? 25  LYS A NZ  1 
ATOM   88  N N   . LYS A 1 11 ? 1.552   -15.979 3.006   1.00 19.50 ? 26  LYS A N   1 
ATOM   89  C CA  . LYS A 1 11 ? 0.970   -15.634 1.691   1.00 19.29 ? 26  LYS A CA  1 
ATOM   90  C C   . LYS A 1 11 ? 0.132   -14.358 1.830   1.00 19.55 ? 26  LYS A C   1 
ATOM   91  O O   . LYS A 1 11 ? 0.182   -13.488 0.937   1.00 19.43 ? 26  LYS A O   1 
ATOM   92  C CB  . LYS A 1 11 ? 0.091   -16.776 1.183   1.00 22.44 ? 26  LYS A CB  1 
ATOM   93  C CG  . LYS A 1 11 ? -0.719  -16.494 -0.060  1.00 24.51 ? 26  LYS A CG  1 
ATOM   94  C CD  . LYS A 1 11 ? -1.383  -17.792 -0.442  1.00 28.33 ? 26  LYS A CD  1 
ATOM   95  C CE  . LYS A 1 11 ? -2.250  -17.722 -1.656  1.00 31.35 ? 26  LYS A CE  1 
ATOM   96  N NZ  . LYS A 1 11 ? -2.683  -19.103 -1.992  1.00 29.18 ? 26  LYS A NZ  1 
ATOM   97  N N   . VAL A 1 12 ? -0.654  -14.242 2.886   1.00 17.89 ? 27  VAL A N   1 
ATOM   98  C CA  . VAL A 1 12 ? -1.537  -13.050 3.097   1.00 17.76 ? 27  VAL A CA  1 
ATOM   99  C C   . VAL A 1 12 ? -0.648  -11.828 3.313   1.00 17.50 ? 27  VAL A C   1 
ATOM   100 O O   . VAL A 1 12 ? -0.864  -10.786 2.684   1.00 17.54 ? 27  VAL A O   1 
ATOM   101 C CB  . VAL A 1 12 ? -2.506  -13.295 4.256   1.00 18.46 ? 27  VAL A CB  1 
ATOM   102 C CG1 . VAL A 1 12 ? -3.224  -12.022 4.663   1.00 20.54 ? 27  VAL A CG1 1 
ATOM   103 C CG2 . VAL A 1 12 ? -3.547  -14.343 3.882   1.00 19.51 ? 27  VAL A CG2 1 
ATOM   104 N N   . ASP A 1 13 ? 0.359   -11.918 4.184   1.00 19.20 ? 28  ASP A N   1 
ATOM   105 C CA  . ASP A 1 13 ? 1.246   -10.770 4.480   1.00 18.96 ? 28  ASP A CA  1 
ATOM   106 C C   . ASP A 1 13 ? 1.968   -10.329 3.224   1.00 19.65 ? 28  ASP A C   1 
ATOM   107 O O   . ASP A 1 13 ? 2.021   -9.113  2.930   1.00 18.59 ? 28  ASP A O   1 
ATOM   108 C CB  . ASP A 1 13 ? 2.278   -11.108 5.537   1.00 21.34 ? 28  ASP A CB  1 
ATOM   109 C CG  . ASP A 1 13 ? 1.715   -11.198 6.932   1.00 23.02 ? 28  ASP A CG  1 
ATOM   110 O OD1 . ASP A 1 13 ? 0.648   -10.649 7.183   1.00 25.46 ? 28  ASP A OD1 1 
ATOM   111 O OD2 . ASP A 1 13 ? 2.388   -11.867 7.763   1.00 26.21 ? 28  ASP A OD2 1 
ATOM   112 N N   . ASP A 1 14 ? 2.518   -11.272 2.478   1.00 18.78 ? 29  ASP A N   1 
ATOM   113 C CA  . ASP A 1 14 ? 3.303   -10.972 1.284   1.00 19.25 ? 29  ASP A CA  1 
ATOM   114 C C   . ASP A 1 14 ? 2.368   -10.351 0.229   1.00 17.87 ? 29  ASP A C   1 
ATOM   115 O O   . ASP A 1 14 ? 2.744   -9.385  -0.469  1.00 18.17 ? 29  ASP A O   1 
ATOM   116 C CB  . ASP A 1 14 ? 3.953   -12.250 0.767   1.00 22.46 ? 29  ASP A CB  1 
ATOM   117 C CG  . ASP A 1 14 ? 4.842   -12.039 -0.427  1.00 26.76 ? 29  ASP A CG  1 
ATOM   118 O OD1 . ASP A 1 14 ? 5.820   -11.247 -0.287  1.00 28.97 ? 29  ASP A OD1 1 
ATOM   119 O OD2 . ASP A 1 14 ? 4.521   -12.585 -1.483  1.00 29.77 ? 29  ASP A OD2 1 
ATOM   120 N N   . GLY A 1 15 ? 1.166   -10.919 0.072   1.00 17.23 ? 30  GLY A N   1 
ATOM   121 C CA  . GLY A 1 15 ? 0.217   -10.392 -0.908  1.00 16.88 ? 30  GLY A CA  1 
ATOM   122 C C   . GLY A 1 15 ? -0.203  -8.980  -0.559  1.00 16.44 ? 30  GLY A C   1 
ATOM   123 O O   . GLY A 1 15 ? -0.325  -8.115  -1.449  1.00 17.67 ? 30  GLY A O   1 
ATOM   124 N N   . PHE A 1 16 ? -0.527  -8.732  0.698   1.00 17.28 ? 31  PHE A N   1 
ATOM   125 C CA  . PHE A 1 16 ? -0.901  -7.375  1.172   1.00 18.20 ? 31  PHE A CA  1 
ATOM   126 C C   . PHE A 1 16 ? 0.267   -6.430  0.908   1.00 17.06 ? 31  PHE A C   1 
ATOM   127 O O   . PHE A 1 16 ? 0.049   -5.302  0.437   1.00 17.09 ? 31  PHE A O   1 
ATOM   128 C CB  . PHE A 1 16 ? -1.323  -7.396  2.635   1.00 17.96 ? 31  PHE A CB  1 
ATOM   129 C CG  . PHE A 1 16 ? -2.692  -7.933  2.956   1.00 19.44 ? 31  PHE A CG  1 
ATOM   130 C CD1 . PHE A 1 16 ? -3.606  -8.265  1.971   1.00 19.11 ? 31  PHE A CD1 1 
ATOM   131 C CD2 . PHE A 1 16 ? -3.064  -8.112  4.282   1.00 20.33 ? 31  PHE A CD2 1 
ATOM   132 C CE1 . PHE A 1 16 ? -4.869  -8.750  2.289   1.00 21.32 ? 31  PHE A CE1 1 
ATOM   133 C CE2 . PHE A 1 16 ? -4.325  -8.586  4.593   1.00 20.69 ? 31  PHE A CE2 1 
ATOM   134 C CZ  . PHE A 1 16 ? -5.211  -8.917  3.611   1.00 22.24 ? 31  PHE A CZ  1 
ATOM   135 N N   . LEU A 1 17 ? 1.513   -6.839  1.169   1.00 17.85 ? 32  LEU A N   1 
ATOM   136 C CA  . LEU A 1 17 ? 2.686   -5.963  0.882   1.00 18.19 ? 32  LEU A CA  1 
ATOM   137 C C   . LEU A 1 17 ? 2.696   -5.593  -0.589  1.00 17.65 ? 32  LEU A C   1 
ATOM   138 O O   . LEU A 1 17 ? 2.919   -4.402  -0.953  1.00 17.89 ? 32  LEU A O   1 
ATOM   139 C CB  . LEU A 1 17 ? 3.971   -6.697  1.269   1.00 20.36 ? 32  LEU A CB  1 
ATOM   140 C CG  . LEU A 1 17 ? 5.256   -5.966  0.899   1.00 22.61 ? 32  LEU A CG  1 
ATOM   141 C CD1 . LEU A 1 17 ? 5.318   -4.619  1.607   1.00 23.77 ? 32  LEU A CD1 1 
ATOM   142 C CD2 . LEU A 1 17 ? 6.467   -6.817  1.281   1.00 27.08 ? 32  LEU A CD2 1 
ATOM   143 N N   . ASP A 1 18 ? 2.487   -6.571  -1.477  1.00 18.50 ? 33  ASP A N   1 
ATOM   144 C CA  . ASP A 1 18 ? 2.573   -6.310  -2.930  1.00 18.41 ? 33  ASP A CA  1 
ATOM   145 C C   . ASP A 1 18 ? 1.452   -5.333  -3.339  1.00 16.96 ? 33  ASP A C   1 
ATOM   146 O O   . ASP A 1 18 ? 1.697   -4.424  -4.136  1.00 17.32 ? 33  ASP A O   1 
ATOM   147 C CB  . ASP A 1 18 ? 2.439   -7.583  -3.743  1.00 19.08 ? 33  ASP A CB  1 
ATOM   148 C CG  . ASP A 1 18 ? 3.665   -8.489  -3.699  1.00 22.44 ? 33  ASP A CG  1 
ATOM   149 O OD1 . ASP A 1 18 ? 4.756   -8.011  -3.298  1.00 21.62 ? 33  ASP A OD1 1 
ATOM   150 O OD2 . ASP A 1 18 ? 3.506   -9.648  -4.099  1.00 22.09 ? 33  ASP A OD2 1 
ATOM   151 N N   . ILE A 1 19 ? 0.276   -5.487  -2.749  1.00 16.21 ? 34  ILE A N   1 
ATOM   152 C CA  . ILE A 1 19 ? -0.909  -4.637  -3.084  1.00 15.76 ? 34  ILE A CA  1 
ATOM   153 C C   . ILE A 1 19 ? -0.655  -3.208  -2.614  1.00 15.39 ? 34  ILE A C   1 
ATOM   154 O O   . ILE A 1 19 ? -0.878  -2.252  -3.374  1.00 15.67 ? 34  ILE A O   1 
ATOM   155 C CB  . ILE A 1 19 ? -2.176  -5.262  -2.481  1.00 15.88 ? 34  ILE A CB  1 
ATOM   156 C CG1 . ILE A 1 19 ? -2.560  -6.509  -3.267  1.00 17.41 ? 34  ILE A CG1 1 
ATOM   157 C CG2 . ILE A 1 19 ? -3.320  -4.249  -2.436  1.00 18.20 ? 34  ILE A CG2 1 
ATOM   158 C CD1 . ILE A 1 19 ? -3.506  -7.416  -2.496  1.00 17.67 ? 34  ILE A CD1 1 
ATOM   159 N N   . TRP A 1 20 ? -0.199  -3.033  -1.378  1.00 16.91 ? 35  TRP A N   1 
ATOM   160 C CA  . TRP A 1 20 ? 0.026   -1.667  -0.844  1.00 17.07 ? 35  TRP A CA  1 
ATOM   161 C C   . TRP A 1 20 ? 1.232   -1.004  -1.492  1.00 16.85 ? 35  TRP A C   1 
ATOM   162 O O   . TRP A 1 20 ? 1.200   0.207   -1.729  1.00 17.32 ? 35  TRP A O   1 
ATOM   163 C CB  . TRP A 1 20 ? 0.063   -1.657  0.680   1.00 16.26 ? 35  TRP A CB  1 
ATOM   164 C CG  . TRP A 1 20 ? -1.293  -1.869  1.270   1.00 17.50 ? 35  TRP A CG  1 
ATOM   165 C CD1 . TRP A 1 20 ? -1.809  -3.012  1.804   1.00 16.09 ? 35  TRP A CD1 1 
ATOM   166 C CD2 . TRP A 1 20 ? -2.366  -0.919  1.250   1.00 16.33 ? 35  TRP A CD2 1 
ATOM   167 N NE1 . TRP A 1 20 ? -3.120  -2.823  2.163   1.00 17.19 ? 35  TRP A NE1 1 
ATOM   168 C CE2 . TRP A 1 20 ? -3.489  -1.560  1.815   1.00 16.46 ? 35  TRP A CE2 1 
ATOM   169 C CE3 . TRP A 1 20 ? -2.471  0.405   0.800   1.00 16.97 ? 35  TRP A CE3 1 
ATOM   170 C CZ2 . TRP A 1 20 ? -4.727  -0.904  1.974   1.00 17.06 ? 35  TRP A CZ2 1 
ATOM   171 C CZ3 . TRP A 1 20 ? -3.701  1.027   0.948   1.00 17.45 ? 35  TRP A CZ3 1 
ATOM   172 C CH2 . TRP A 1 20 ? -4.804  0.386   1.503   1.00 18.70 ? 35  TRP A CH2 1 
ATOM   173 N N   . THR A 1 21 ? 2.253   -1.767  -1.878  1.00 17.07 ? 36  THR A N   1 
ATOM   174 C CA  . THR A 1 21 ? 3.428   -1.218  -2.595  1.00 18.27 ? 36  THR A CA  1 
ATOM   175 C C   . THR A 1 21 ? 2.975   -0.689  -3.968  1.00 16.86 ? 36  THR A C   1 
ATOM   176 O O   . THR A 1 21 ? 3.319   0.426   -4.375  1.00 16.58 ? 36  THR A O   1 
ATOM   177 C CB  . THR A 1 21 ? 4.515   -2.273  -2.735  1.00 19.05 ? 36  THR A CB  1 
ATOM   178 O OG1 . THR A 1 21 ? 4.961   -2.637  -1.429  1.00 20.65 ? 36  THR A OG1 1 
ATOM   179 C CG2 . THR A 1 21 ? 5.670   -1.705  -3.529  1.00 19.82 ? 36  THR A CG2 1 
ATOM   180 N N   . TYR A 1 22 ? 2.115   -1.435  -4.674  1.00 16.78 ? 37  TYR A N   1 
ATOM   181 C CA  . TYR A 1 22 ? 1.544   -1.004  -5.958  1.00 16.80 ? 37  TYR A CA  1 
ATOM   182 C C   . TYR A 1 22 ? 0.739   0.266   -5.713  1.00 15.28 ? 37  TYR A C   1 
ATOM   183 O O   . TYR A 1 22 ? 0.871   1.217   -6.464  1.00 16.30 ? 37  TYR A O   1 
ATOM   184 C CB  . TYR A 1 22 ? 0.694   -2.118  -6.589  1.00 17.78 ? 37  TYR A CB  1 
ATOM   185 C CG  . TYR A 1 22 ? 0.033   -1.694  -7.858  1.00 18.90 ? 37  TYR A CG  1 
ATOM   186 C CD1 . TYR A 1 22 ? -1.180  -1.045  -7.881  1.00 18.03 ? 37  TYR A CD1 1 
ATOM   187 C CD2 . TYR A 1 22 ? 0.652   -1.928  -9.067  1.00 19.56 ? 37  TYR A CD2 1 
ATOM   188 C CE1 . TYR A 1 22 ? -1.758  -0.629  -9.073  1.00 18.48 ? 37  TYR A CE1 1 
ATOM   189 C CE2 . TYR A 1 22 ? 0.091   -1.537  -10.262 1.00 20.31 ? 37  TYR A CE2 1 
ATOM   190 C CZ  . TYR A 1 22 ? -1.119  -0.879  -10.275 1.00 19.48 ? 37  TYR A CZ  1 
ATOM   191 O OH  . TYR A 1 22 ? -1.653  -0.438  -11.453 1.00 20.66 ? 37  TYR A OH  1 
ATOM   192 N N   . ASN A 1 23 ? -0.116  0.302   -4.695  1.00 16.53 ? 38  ASN A N   1 
ATOM   193 C CA  . ASN A 1 23 ? -0.936  1.519   -4.439  1.00 16.51 ? 38  ASN A CA  1 
ATOM   194 C C   . ASN A 1 23 ? -0.008  2.720   -4.259  1.00 16.33 ? 38  ASN A C   1 
ATOM   195 O O   . ASN A 1 23 ? -0.278  3.802   -4.800  1.00 16.05 ? 38  ASN A O   1 
ATOM   196 C CB  . ASN A 1 23 ? -1.830  1.351   -3.210  1.00 16.69 ? 38  ASN A CB  1 
ATOM   197 C CG  . ASN A 1 23 ? -3.027  0.466   -3.470  1.00 16.94 ? 38  ASN A CG  1 
ATOM   198 O OD1 . ASN A 1 23 ? -3.385  0.215   -4.621  1.00 19.04 ? 38  ASN A OD1 1 
ATOM   199 N ND2 . ASN A 1 23 ? -3.616  -0.054  -2.396  1.00 16.36 ? 38  ASN A ND2 1 
ATOM   200 N N   . ALA A 1 24 ? 1.082   2.555   -3.521  1.00 17.36 ? 39  ALA A N   1 
ATOM   201 C CA  . ALA A 1 24 ? 2.008   3.673   -3.261  1.00 17.92 ? 39  ALA A CA  1 
ATOM   202 C C   . ALA A 1 24 ? 2.622   4.157   -4.569  1.00 17.30 ? 39  ALA A C   1 
ATOM   203 O O   . ALA A 1 24 ? 2.752   5.374   -4.788  1.00 18.02 ? 39  ALA A O   1 
ATOM   204 C CB  . ALA A 1 24 ? 3.087   3.220   -2.318  1.00 18.78 ? 39  ALA A CB  1 
ATOM   205 N N   . GLU A 1 25 ? 3.015   3.231   -5.423  1.00 16.67 ? 40  GLU A N   1 
ATOM   206 C CA  . GLU A 1 25 ? 3.743   3.577   -6.665  1.00 18.74 ? 40  GLU A CA  1 
ATOM   207 C C   . GLU A 1 25 ? 2.786   4.292   -7.619  1.00 17.18 ? 40  GLU A C   1 
ATOM   208 O O   . GLU A 1 25 ? 3.162   5.260   -8.272  1.00 17.78 ? 40  GLU A O   1 
ATOM   209 C CB  . GLU A 1 25 ? 4.375   2.325   -7.273  1.00 21.38 ? 40  GLU A CB  1 
ATOM   210 C CG  . GLU A 1 25 ? 5.546   1.812   -6.446  1.00 22.87 ? 40  GLU A CG  1 
ATOM   211 C CD  . GLU A 1 25 ? 6.047   0.413   -6.745  1.00 26.89 ? 40  GLU A CD  1 
ATOM   212 O OE1 . GLU A 1 25 ? 5.391   -0.308  -7.501  1.00 29.44 ? 40  GLU A OE1 1 
ATOM   213 O OE2 . GLU A 1 25 ? 7.110   0.068   -6.167  1.00 30.76 ? 40  GLU A OE2 1 
ATOM   214 N N   . LEU A 1 26 ? 1.531   3.851   -7.715  1.00 16.53 ? 41  LEU A N   1 
ATOM   215 C CA  . LEU A 1 26 ? 0.571   4.537   -8.586  1.00 16.29 ? 41  LEU A CA  1 
ATOM   216 C C   . LEU A 1 26 ? 0.307   5.934   -8.046  1.00 17.13 ? 41  LEU A C   1 
ATOM   217 O O   . LEU A 1 26 ? 0.257   6.872   -8.836  1.00 16.66 ? 41  LEU A O   1 
ATOM   218 C CB  . LEU A 1 26 ? -0.732  3.745   -8.696  1.00 17.28 ? 41  LEU A CB  1 
ATOM   219 C CG  . LEU A 1 26 ? -1.841  4.449   -9.473  1.00 17.90 ? 41  LEU A CG  1 
ATOM   220 C CD1 . LEU A 1 26 ? -1.415  4.721   -10.907 1.00 19.13 ? 41  LEU A CD1 1 
ATOM   221 C CD2 . LEU A 1 26 ? -3.069  3.586   -9.489  1.00 17.96 ? 41  LEU A CD2 1 
ATOM   222 N N   . LEU A 1 27 ? 0.143   6.065   -6.744  1.00 17.69 ? 42  LEU A N   1 
ATOM   223 C CA  . LEU A 1 27 ? -0.226  7.375   -6.158  1.00 18.83 ? 42  LEU A CA  1 
ATOM   224 C C   . LEU A 1 27 ? 0.931   8.327   -6.418  1.00 19.82 ? 42  LEU A C   1 
ATOM   225 O O   . LEU A 1 27 ? 0.633   9.493   -6.813  1.00 19.18 ? 42  LEU A O   1 
ATOM   226 C CB  . LEU A 1 27 ? -0.493  7.203   -4.667  1.00 18.58 ? 42  LEU A CB  1 
ATOM   227 C CG  . LEU A 1 27 ? -0.859  8.479   -3.907  1.00 21.36 ? 42  LEU A CG  1 
ATOM   228 C CD1 . LEU A 1 27 ? -2.128  9.092   -4.448  1.00 22.24 ? 42  LEU A CD1 1 
ATOM   229 C CD2 . LEU A 1 27 ? -0.988  8.128   -2.435  1.00 24.27 ? 42  LEU A CD2 1 
ATOM   230 N N   . VAL A 1 28 ? 2.197   7.908   -6.280  1.00 18.89 ? 43  VAL A N   1 
ATOM   231 C CA  . VAL A 1 28 ? 3.325   8.858   -6.509  1.00 21.94 ? 43  VAL A CA  1 
ATOM   232 C C   . VAL A 1 28 ? 3.339   9.268   -7.986  1.00 21.19 ? 43  VAL A C   1 
ATOM   233 O O   . VAL A 1 28 ? 3.587   10.468  -8.264  1.00 20.42 ? 43  VAL A O   1 
ATOM   234 C CB  . VAL A 1 28 ? 4.699   8.327   -6.075  1.00 25.89 ? 43  VAL A CB  1 
ATOM   235 C CG1 . VAL A 1 28 ? 4.755   8.107   -4.587  1.00 28.55 ? 43  VAL A CG1 1 
ATOM   236 C CG2 . VAL A 1 28 ? 5.156   7.118   -6.827  1.00 31.75 ? 43  VAL A CG2 1 
ATOM   237 N N   . LEU A 1 29 ? 3.036   8.377   -8.939  1.00 19.11 ? 44  LEU A N   1 
ATOM   238 C CA  . LEU A 1 29 ? 2.978   8.781   -10.364 1.00 21.11 ? 44  LEU A CA  1 
ATOM   239 C C   . LEU A 1 29 ? 1.826   9.749   -10.597 1.00 19.57 ? 44  LEU A C   1 
ATOM   240 O O   . LEU A 1 29 ? 2.017   10.745  -11.358 1.00 20.20 ? 44  LEU A O   1 
ATOM   241 C CB  . LEU A 1 29 ? 2.875   7.549   -11.256 1.00 21.90 ? 44  LEU A CB  1 
ATOM   242 C CG  . LEU A 1 29 ? 4.084   6.626   -11.225 1.00 25.08 ? 44  LEU A CG  1 
ATOM   243 C CD1 . LEU A 1 29 ? 3.866   5.487   -12.201 1.00 27.52 ? 44  LEU A CD1 1 
ATOM   244 C CD2 . LEU A 1 29 ? 5.393   7.359   -11.505 1.00 32.27 ? 44  LEU A CD2 1 
ATOM   245 N N   . LEU A 1 30 ? 0.679   9.574   -9.961  1.00 18.72 ? 45  LEU A N   1 
ATOM   246 C CA  . LEU A 1 30 ? -0.472  10.482  -10.185 1.00 20.38 ? 45  LEU A CA  1 
ATOM   247 C C   . LEU A 1 30 ? -0.156  11.836  -9.552  1.00 21.46 ? 45  LEU A C   1 
ATOM   248 O O   . LEU A 1 30 ? -0.550  12.874  -10.117 1.00 22.04 ? 45  LEU A O   1 
ATOM   249 C CB  . LEU A 1 30 ? -1.741  9.909   -9.580  1.00 20.76 ? 45  LEU A CB  1 
ATOM   250 C CG  . LEU A 1 30 ? -2.308  8.705   -10.301 1.00 19.80 ? 45  LEU A CG  1 
ATOM   251 C CD1 . LEU A 1 30 ? -3.370  8.063   -9.434  1.00 19.65 ? 45  LEU A CD1 1 
ATOM   252 C CD2 . LEU A 1 30 ? -2.863  9.121   -11.670 1.00 21.07 ? 45  LEU A CD2 1 
ATOM   253 N N   . GLU A 1 31 ? 0.568   11.859  -8.443  1.00 21.55 ? 46  GLU A N   1 
ATOM   254 C CA  . GLU A 1 31 ? 0.939   13.166  -7.814  1.00 23.13 ? 46  GLU A CA  1 
ATOM   255 C C   . GLU A 1 31 ? 1.990   13.847  -8.685  1.00 22.91 ? 46  GLU A C   1 
ATOM   256 O O   . GLU A 1 31 ? 1.898   15.107  -8.882  1.00 22.81 ? 46  GLU A O   1 
ATOM   257 C CB  . GLU A 1 31 ? 1.426   12.938  -6.398  1.00 24.04 ? 46  GLU A CB  1 
ATOM   258 C CG  . GLU A 1 31 ? 0.323   12.599  -5.434  1.00 29.21 ? 46  GLU A CG  1 
ATOM   259 C CD  . GLU A 1 31 ? 0.816   12.277  -4.026  1.00 35.09 ? 46  GLU A CD  1 
ATOM   260 O OE1 . GLU A 1 31 ? 1.901   11.689  -3.907  1.00 36.43 ? 46  GLU A OE1 1 
ATOM   261 O OE2 . GLU A 1 31 ? 0.115   12.596  -3.068  1.00 44.66 ? 46  GLU A OE2 1 
ATOM   262 N N   . ASN A 1 32 ? 2.910   13.108  -9.284  1.00 22.09 ? 47  ASN A N   1 
ATOM   263 C CA  . ASN A 1 32 ? 3.982   13.695  -10.115 1.00 24.57 ? 47  ASN A CA  1 
ATOM   264 C C   . ASN A 1 32 ? 3.364   14.311  -11.378 1.00 22.30 ? 47  ASN A C   1 
ATOM   265 O O   . ASN A 1 32 ? 3.898   15.334  -11.902 1.00 23.66 ? 47  ASN A O   1 
ATOM   266 C CB  . ASN A 1 32 ? 5.045   12.672  -10.506 1.00 27.17 ? 47  ASN A CB  1 
ATOM   267 C CG  . ASN A 1 32 ? 6.205   13.316  -11.228 1.00 34.85 ? 47  ASN A CG  1 
ATOM   268 O OD1 . ASN A 1 32 ? 6.879   14.175  -10.659 1.00 45.70 ? 47  ASN A OD1 1 
ATOM   269 N ND2 . ASN A 1 32 ? 6.426   12.957  -12.487 1.00 40.68 ? 47  ASN A ND2 1 
ATOM   270 N N   . GLU A 1 33 ? 2.320   13.712  -11.953 1.00 19.70 ? 48  GLU A N   1 
ATOM   271 C CA  . GLU A 1 33 ? 1.635   14.270  -13.142 1.00 20.05 ? 48  GLU A CA  1 
ATOM   272 C C   . GLU A 1 33 ? 0.732   15.439  -12.733 1.00 20.72 ? 48  GLU A C   1 
ATOM   273 O O   . GLU A 1 33 ? 0.218   16.119  -13.656 1.00 21.31 ? 48  GLU A O   1 
ATOM   274 C CB  . GLU A 1 33 ? 0.752   13.216  -13.840 1.00 22.07 ? 48  GLU A CB  1 
ATOM   275 C CG  . GLU A 1 33 ? 1.499   12.034  -14.403 1.00 24.49 ? 48  GLU A CG  1 
ATOM   276 C CD  . GLU A 1 33 ? 2.374   12.301  -15.606 1.00 28.02 ? 48  GLU A CD  1 
ATOM   277 O OE1 . GLU A 1 33 ? 2.112   13.267  -16.347 1.00 28.19 ? 48  GLU A OE1 1 
ATOM   278 O OE2 . GLU A 1 33 ? 3.298   11.502  -15.826 1.00 33.92 ? 48  GLU A OE2 1 
ATOM   279 N N   . ARG A 1 34 ? 0.517   15.641  -11.437 1.00 20.09 ? 49  ARG A N   1 
ATOM   280 C CA  . ARG A 1 34 ? -0.399  16.626  -10.806 1.00 20.78 ? 49  ARG A CA  1 
ATOM   281 C C   . ARG A 1 34 ? -1.867  16.266  -11.071 1.00 21.06 ? 49  ARG A C   1 
ATOM   282 O O   . ARG A 1 34 ? -2.772  17.115  -10.885 1.00 20.88 ? 49  ARG A O   1 
ATOM   283 C CB  . ARG A 1 34 ? -0.058  18.047  -11.272 1.00 21.53 ? 49  ARG A CB  1 
ATOM   284 C CG  . ARG A 1 34 ? 1.412   18.421  -11.186 1.00 23.15 ? 49  ARG A CG  1 
ATOM   285 C CD  . ARG A 1 34 ? 1.725   19.808  -11.766 1.00 23.47 ? 49  ARG A CD  1 
ATOM   286 N NE  . ARG A 1 34 ? 1.266   19.867  -13.162 1.00 23.36 ? 49  ARG A NE  1 
ATOM   287 C CZ  . ARG A 1 34 ? 1.889   19.314  -14.169 1.00 23.15 ? 49  ARG A CZ  1 
ATOM   288 N NH1 . ARG A 1 34 ? 3.080   18.753  -14.021 1.00 26.31 ? 49  ARG A NH1 1 
ATOM   289 N NH2 . ARG A 1 34 ? 1.344   19.347  -15.350 1.00 23.70 ? 49  ARG A NH2 1 
ATOM   290 N N   . THR A 1 35 ? -2.176  15.009  -11.380 1.00 20.11 ? 50  THR A N   1 
ATOM   291 C CA  . THR A 1 35 ? -3.559  14.559  -11.602 1.00 20.40 ? 50  THR A CA  1 
ATOM   292 C C   . THR A 1 35 ? -4.323  14.835  -10.307 1.00 20.08 ? 50  THR A C   1 
ATOM   293 O O   . THR A 1 35 ? -5.463  15.309  -10.320 1.00 20.02 ? 50  THR A O   1 
ATOM   294 C CB  . THR A 1 35 ? -3.578  13.057  -11.909 1.00 20.78 ? 50  THR A CB  1 
ATOM   295 O OG1 . THR A 1 35 ? -2.587  12.798  -12.910 1.00 21.02 ? 50  THR A OG1 1 
ATOM   296 C CG2 . THR A 1 35 ? -4.968  12.630  -12.320 1.00 20.74 ? 50  THR A CG2 1 
ATOM   297 N N   . LEU A 1 36 ? -3.690  14.460  -9.203  1.00 20.79 ? 51  LEU A N   1 
ATOM   298 C CA  . LEU A 1 36 ? -4.156  14.746  -7.843  1.00 22.76 ? 51  LEU A CA  1 
ATOM   299 C C   . LEU A 1 36 ? -3.207  15.788  -7.273  1.00 25.14 ? 51  LEU A C   1 
ATOM   300 O O   . LEU A 1 36 ? -1.990  15.662  -7.523  1.00 26.07 ? 51  LEU A O   1 
ATOM   301 C CB  . LEU A 1 36 ? -4.103  13.455  -7.022  1.00 25.25 ? 51  LEU A CB  1 
ATOM   302 C CG  . LEU A 1 36 ? -4.980  12.323  -7.541  1.00 25.01 ? 51  LEU A CG  1 
ATOM   303 C CD1 . LEU A 1 36 ? -4.836  11.121  -6.614  1.00 27.25 ? 51  LEU A CD1 1 
ATOM   304 C CD2 . LEU A 1 36 ? -6.426  12.740  -7.661  1.00 25.56 ? 51  LEU A CD2 1 
ATOM   305 N N   . ASP A 1 37 ? -3.760  16.711  -6.518  1.00 25.53 ? 52  ASP A N   1 
ATOM   306 C CA  . ASP A 1 37 ? -2.971  17.776  -5.847  1.00 29.57 ? 52  ASP A CA  1 
ATOM   307 C C   . ASP A 1 37 ? -2.548  17.314  -4.447  1.00 28.72 ? 52  ASP A C   1 
ATOM   308 O O   . ASP A 1 37 ? -3.421  17.138  -3.606  1.00 27.75 ? 52  ASP A O   1 
ATOM   309 C CB  . ASP A 1 37 ? -3.811  19.039  -5.778  1.00 30.53 ? 52  ASP A CB  1 
ATOM   310 C CG  . ASP A 1 37 ? -3.060  20.201  -5.154  1.00 31.70 ? 52  ASP A CG  1 
ATOM   311 O OD1 . ASP A 1 37 ? -1.825  20.085  -4.971  1.00 35.64 ? 52  ASP A OD1 1 
ATOM   312 O OD2 . ASP A 1 37 ? -3.734  21.206  -4.909  1.00 37.67 ? 52  ASP A OD2 1 
ATOM   313 N N   . TYR A 1 38 ? -1.249  17.188  -4.209  1.00 33.92 ? 53  TYR A N   1 
ATOM   314 C CA  . TYR A 1 38 ? -0.684  16.804  -2.890  1.00 37.46 ? 53  TYR A CA  1 
ATOM   315 C C   . TYR A 1 38 ? -1.136  17.808  -1.812  1.00 37.58 ? 53  TYR A C   1 
ATOM   316 O O   . TYR A 1 38 ? -1.170  17.433  -0.634  1.00 39.84 ? 53  TYR A O   1 
ATOM   317 C CB  . TYR A 1 38 ? 0.832   16.615  -3.010  1.00 44.60 ? 53  TYR A CB  1 
ATOM   318 C CG  . TYR A 1 38 ? 1.635   17.888  -3.090  1.00 51.82 ? 53  TYR A CG  1 
ATOM   319 C CD1 . TYR A 1 38 ? 1.964   18.594  -1.944  1.00 57.25 ? 53  TYR A CD1 1 
ATOM   320 C CD2 . TYR A 1 38 ? 2.107   18.359  -4.306  1.00 58.64 ? 53  TYR A CD2 1 
ATOM   321 C CE1 . TYR A 1 38 ? 2.711   19.757  -2.007  1.00 63.14 ? 53  TYR A CE1 1 
ATOM   322 C CE2 . TYR A 1 38 ? 2.857   19.522  -4.387  1.00 65.15 ? 53  TYR A CE2 1 
ATOM   323 C CZ  . TYR A 1 38 ? 3.161   20.220  -3.231  1.00 67.82 ? 53  TYR A CZ  1 
ATOM   324 O OH  . TYR A 1 38 ? 3.891   21.370  -3.295  1.00 76.34 ? 53  TYR A OH  1 
ATOM   325 N N   . HIS A 1 39 ? -1.532  19.032  -2.176  1.00 38.25 ? 54  HIS A N   1 
ATOM   326 C CA  . HIS A 1 39 ? -2.009  20.054  -1.202  1.00 42.53 ? 54  HIS A CA  1 
ATOM   327 C C   . HIS A 1 39 ? -3.412  19.715  -0.666  1.00 39.16 ? 54  HIS A C   1 
ATOM   328 O O   . HIS A 1 39 ? -3.743  20.203  0.400   1.00 42.52 ? 54  HIS A O   1 
ATOM   329 C CB  . HIS A 1 39 ? -1.971  21.467  -1.813  1.00 48.38 ? 54  HIS A CB  1 
ATOM   330 C CG  . HIS A 1 39 ? -0.613  21.955  -2.195  1.00 54.23 ? 54  HIS A CG  1 
ATOM   331 N ND1 . HIS A 1 39 ? -0.275  22.258  -3.501  1.00 60.65 ? 54  HIS A ND1 1 
ATOM   332 C CD2 . HIS A 1 39 ? 0.488   22.213  -1.452  1.00 61.48 ? 54  HIS A CD2 1 
ATOM   333 C CE1 . HIS A 1 39 ? 0.971   22.682  -3.545  1.00 60.93 ? 54  HIS A CE1 1 
ATOM   334 N NE2 . HIS A 1 39 ? 1.463   22.658  -2.298  1.00 60.70 ? 54  HIS A NE2 1 
ATOM   335 N N   . ASP A 1 40 ? -4.211  18.893  -1.351  1.00 31.94 ? 55  ASP A N   1 
ATOM   336 C CA  . ASP A 1 40 ? -5.633  18.589  -1.022  1.00 31.64 ? 55  ASP A CA  1 
ATOM   337 C C   . ASP A 1 40 ? -5.695  17.603  0.163   1.00 34.48 ? 55  ASP A C   1 
ATOM   338 O O   . ASP A 1 40 ? -4.996  16.561  0.109   1.00 30.24 ? 55  ASP A O   1 
ATOM   339 C CB  . ASP A 1 40 ? -6.264  18.063  -2.319  1.00 34.43 ? 55  ASP A CB  1 
ATOM   340 C CG  . ASP A 1 40 ? -7.691  17.557  -2.302  1.00 37.40 ? 55  ASP A CG  1 
ATOM   341 O OD1 . ASP A 1 40 ? -8.269  17.349  -1.228  1.00 38.35 ? 55  ASP A OD1 1 
ATOM   342 O OD2 . ASP A 1 40 ? -8.226  17.389  -3.425  1.00 41.36 ? 55  ASP A OD2 1 
ATOM   343 N N   . SER A 1 41 ? -6.494  17.875  1.199   1.00 33.24 ? 56  SER A N   1 
ATOM   344 C CA  . SER A 1 41 ? -6.595  16.987  2.388   1.00 33.50 ? 56  SER A CA  1 
ATOM   345 C C   . SER A 1 41 ? -7.083  15.587  1.998   1.00 30.90 ? 56  SER A C   1 
ATOM   346 O O   . SER A 1 41 ? -6.692  14.616  2.657   1.00 29.78 ? 56  SER A O   1 
ATOM   347 C CB  . SER A 1 41 ? -7.446  17.560  3.486   1.00 35.55 ? 56  SER A CB  1 
ATOM   348 O OG  . SER A 1 41 ? -8.725  17.896  3.007   1.00 44.33 ? 56  SER A OG  1 
ATOM   349 N N   . ASN A 1 42 ? -7.927  15.465  0.975   1.00 32.03 ? 57  ASN A N   1 
ATOM   350 C CA  . ASN A 1 42 ? -8.451  14.142  0.558   1.00 30.07 ? 57  ASN A CA  1 
ATOM   351 C C   . ASN A 1 42 ? -7.307  13.326  -0.041  1.00 25.52 ? 57  ASN A C   1 
ATOM   352 O O   . ASN A 1 42 ? -7.305  12.086  0.141   1.00 26.35 ? 57  ASN A O   1 
ATOM   353 C CB  . ASN A 1 42 ? -9.598  14.285  -0.443  1.00 33.79 ? 57  ASN A CB  1 
ATOM   354 C CG  . ASN A 1 42 ? -10.764 15.043  0.137   1.00 39.72 ? 57  ASN A CG  1 
ATOM   355 O OD1 . ASN A 1 42 ? -11.283 15.974  -0.489  1.00 42.22 ? 57  ASN A OD1 1 
ATOM   356 N ND2 . ASN A 1 42 ? -11.173 14.647  1.325   1.00 43.06 ? 57  ASN A ND2 1 
ATOM   357 N N   . VAL A 1 43 ? -6.383  13.974  -0.744  1.00 22.20 ? 58  VAL A N   1 
ATOM   358 C CA  . VAL A 1 43 ? -5.214  13.286  -1.336  1.00 24.03 ? 58  VAL A CA  1 
ATOM   359 C C   . VAL A 1 43 ? -4.255  12.947  -0.187  1.00 24.67 ? 58  VAL A C   1 
ATOM   360 O O   . VAL A 1 43 ? -3.720  11.859  -0.176  1.00 22.00 ? 58  VAL A O   1 
ATOM   361 C CB  . VAL A 1 43 ? -4.547  14.143  -2.432  1.00 23.28 ? 58  VAL A CB  1 
ATOM   362 C CG1 . VAL A 1 43 ? -3.286  13.513  -2.984  1.00 24.83 ? 58  VAL A CG1 1 
ATOM   363 C CG2 . VAL A 1 43 ? -5.578  14.449  -3.515  1.00 25.90 ? 58  VAL A CG2 1 
ATOM   364 N N   . LYS A 1 44 ? -4.054  13.872  0.757   1.00 24.55 ? 59  LYS A N   1 
ATOM   365 C CA  . LYS A 1 44 ? -3.197  13.568  1.931   1.00 26.18 ? 59  LYS A CA  1 
ATOM   366 C C   . LYS A 1 44 ? -3.730  12.335  2.656   1.00 24.28 ? 59  LYS A C   1 
ATOM   367 O O   . LYS A 1 44 ? -2.906  11.490  3.054   1.00 25.15 ? 59  LYS A O   1 
ATOM   368 C CB  . LYS A 1 44 ? -3.172  14.755  2.903   1.00 29.46 ? 59  LYS A CB  1 
ATOM   369 C CG  . LYS A 1 44 ? -2.429  15.979  2.406   1.00 35.48 ? 59  LYS A CG  1 
ATOM   370 C CD  . LYS A 1 44 ? -2.134  16.913  3.576   1.00 40.29 ? 59  LYS A CD  1 
ATOM   371 C CE  . LYS A 1 44 ? -2.488  18.356  3.314   1.00 46.99 ? 59  LYS A CE  1 
ATOM   372 N NZ  . LYS A 1 44 ? -1.508  18.986  2.410   1.00 49.06 ? 59  LYS A NZ  1 
ATOM   373 N N   . ASN A 1 45 ? -5.046  12.236  2.806   1.00 24.79 ? 60  ASN A N   1 
ATOM   374 C CA  . ASN A 1 45 ? -5.698  11.070  3.454   1.00 26.64 ? 60  ASN A CA  1 
ATOM   375 C C   . ASN A 1 45 ? -5.336  9.779   2.712   1.00 27.69 ? 60  ASN A C   1 
ATOM   376 O O   . ASN A 1 45 ? -5.070  8.764   3.385   1.00 26.31 ? 60  ASN A O   1 
ATOM   377 C CB  . ASN A 1 45 ? -7.195  11.293  3.626   1.00 29.95 ? 60  ASN A CB  1 
ATOM   378 C CG  . ASN A 1 45 ? -7.473  12.393  4.631   1.00 36.42 ? 60  ASN A CG  1 
ATOM   379 O OD1 . ASN A 1 45 ? -6.625  12.685  5.471   1.00 42.13 ? 60  ASN A OD1 1 
ATOM   380 N ND2 . ASN A 1 45 ? -8.616  13.049  4.515   1.00 41.96 ? 60  ASN A ND2 1 
ATOM   381 N N   . LEU A 1 46 ? -5.306  9.761   1.371   1.00 25.39 ? 61  LEU A N   1 
ATOM   382 C CA  . LEU A 1 46 ? -4.874  8.543   0.623   1.00 25.88 ? 61  LEU A CA  1 
ATOM   383 C C   . LEU A 1 46 ? -3.443  8.179   0.979   1.00 24.00 ? 61  LEU A C   1 
ATOM   384 O O   . LEU A 1 46 ? -3.107  6.998   1.193   1.00 23.60 ? 61  LEU A O   1 
ATOM   385 C CB  . LEU A 1 46 ? -4.910  8.773   -0.894  1.00 29.01 ? 61  LEU A CB  1 
ATOM   386 C CG  . LEU A 1 46 ? -6.267  8.746   -1.570  1.00 31.48 ? 61  LEU A CG  1 
ATOM   387 C CD1 . LEU A 1 46 ? -6.032  8.890   -3.068  1.00 30.86 ? 61  LEU A CD1 1 
ATOM   388 C CD2 . LEU A 1 46 ? -7.073  7.473   -1.282  1.00 31.41 ? 61  LEU A CD2 1 
ATOM   389 N N   . TYR A 1 47 ? -2.575  9.187   0.938   1.00 22.69 ? 62  TYR A N   1 
ATOM   390 C CA  . TYR A 1 47 ? -1.141  9.029   1.177   1.00 22.94 ? 62  TYR A CA  1 
ATOM   391 C C   . TYR A 1 47 ? -0.949  8.449   2.581   1.00 23.05 ? 62  TYR A C   1 
ATOM   392 O O   . TYR A 1 47 ? -0.152  7.529   2.763   1.00 24.07 ? 62  TYR A O   1 
ATOM   393 C CB  . TYR A 1 47 ? -0.393  10.341  0.971   1.00 27.70 ? 62  TYR A CB  1 
ATOM   394 C CG  . TYR A 1 47 ? 1.059   10.147  1.280   1.00 36.63 ? 62  TYR A CG  1 
ATOM   395 C CD1 . TYR A 1 47 ? 1.834   9.303   0.490   1.00 42.62 ? 62  TYR A CD1 1 
ATOM   396 C CD2 . TYR A 1 47 ? 1.598   10.608  2.474   1.00 40.16 ? 62  TYR A CD2 1 
ATOM   397 C CE1 . TYR A 1 47 ? 3.148   9.012   0.824   1.00 45.31 ? 62  TYR A CE1 1 
ATOM   398 C CE2 . TYR A 1 47 ? 2.914   10.345  2.809   1.00 44.20 ? 62  TYR A CE2 1 
ATOM   399 C CZ  . TYR A 1 47 ? 3.682   9.539   1.989   1.00 44.73 ? 62  TYR A CZ  1 
ATOM   400 O OH  . TYR A 1 47 ? 4.974   9.285   2.324   1.00 52.35 ? 62  TYR A OH  1 
ATOM   401 N N   . GLU A 1 48 ? -1.716  8.951   3.544   1.00 21.66 ? 63  GLU A N   1 
ATOM   402 C CA  . GLU A 1 48 ? -1.522  8.473   4.939   1.00 23.30 ? 63  GLU A CA  1 
ATOM   403 C C   . GLU A 1 48 ? -1.988  7.029   5.064   1.00 23.71 ? 63  GLU A C   1 
ATOM   404 O O   . GLU A 1 48 ? -1.367  6.294   5.817   1.00 24.18 ? 63  GLU A O   1 
ATOM   405 C CB  . GLU A 1 48 ? -2.252  9.344   5.943   1.00 23.75 ? 63  GLU A CB  1 
ATOM   406 C CG  . GLU A 1 48 ? -1.689  10.734  6.018   1.00 28.15 ? 63  GLU A CG  1 
ATOM   407 C CD  . GLU A 1 48 ? -0.357  10.845  6.743   1.00 31.87 ? 63  GLU A CD  1 
ATOM   408 O OE1 . GLU A 1 48 ? 0.254   9.799   7.108   1.00 30.83 ? 63  GLU A OE1 1 
ATOM   409 O OE2 . GLU A 1 48 ? 0.088   12.002  6.901   1.00 33.08 ? 63  GLU A OE2 1 
ATOM   410 N N   . LYS A 1 49 ? -3.041  6.639   4.355   1.00 22.96 ? 64  LYS A N   1 
ATOM   411 C CA  . LYS A 1 49 ? -3.466  5.218   4.359   1.00 23.48 ? 64  LYS A CA  1 
ATOM   412 C C   . LYS A 1 49 ? -2.362  4.322   3.806   1.00 23.08 ? 64  LYS A C   1 
ATOM   413 O O   . LYS A 1 49 ? -2.011  3.330   4.448   1.00 25.30 ? 64  LYS A O   1 
ATOM   414 C CB  . LYS A 1 49 ? -4.756  5.005   3.575   1.00 25.49 ? 64  LYS A CB  1 
ATOM   415 C CG  . LYS A 1 49 ? -5.982  5.498   4.264   1.00 27.22 ? 64  LYS A CG  1 
ATOM   416 C CD  . LYS A 1 49 ? -7.235  5.118   3.558   1.00 29.45 ? 64  LYS A CD  1 
ATOM   417 C CE  . LYS A 1 49 ? -8.412  5.275   4.490   1.00 30.88 ? 64  LYS A CE  1 
ATOM   418 N NZ  . LYS A 1 49 ? -9.596  4.583   3.942   1.00 32.27 ? 64  LYS A NZ  1 
ATOM   419 N N   . VAL A 1 50 ? -1.820  4.628   2.637   1.00 22.81 ? 65  VAL A N   1 
ATOM   420 C CA  . VAL A 1 50 ? -0.773  3.763   2.028   1.00 23.43 ? 65  VAL A CA  1 
ATOM   421 C C   . VAL A 1 50 ? 0.434   3.702   2.953   1.00 25.79 ? 65  VAL A C   1 
ATOM   422 O O   . VAL A 1 50 ? 0.959   2.622   3.203   1.00 25.70 ? 65  VAL A O   1 
ATOM   423 C CB  . VAL A 1 50 ? -0.380  4.292   0.641   1.00 27.40 ? 65  VAL A CB  1 
ATOM   424 C CG1 . VAL A 1 50 ? 0.784   3.523   0.086   1.00 30.00 ? 65  VAL A CG1 1 
ATOM   425 C CG2 . VAL A 1 50 ? -1.566  4.216   -0.274  1.00 24.82 ? 65  VAL A CG2 1 
ATOM   426 N N   . ARG A 1 51 ? 0.818   4.850   3.496   1.00 25.39 ? 66  ARG A N   1 
ATOM   427 C CA  . ARG A 1 51 ? 1.979   4.909   4.396   1.00 24.79 ? 66  ARG A CA  1 
ATOM   428 C C   . ARG A 1 51 ? 1.776   4.028   5.641   1.00 22.38 ? 66  ARG A C   1 
ATOM   429 O O   . ARG A 1 51 ? 2.673   3.251   5.981   1.00 24.35 ? 66  ARG A O   1 
ATOM   430 C CB  . ARG A 1 51 ? 2.189   6.370   4.748   1.00 25.41 ? 66  ARG A CB  1 
ATOM   431 C CG  . ARG A 1 51 ? 3.484   6.578   5.483   1.00 26.59 ? 66  ARG A CG  1 
ATOM   432 C CD  . ARG A 1 51 ? 3.590   8.085   5.724   1.00 27.66 ? 66  ARG A CD  1 
ATOM   433 N NE  . ARG A 1 51 ? 4.809   8.180   6.498   1.00 24.86 ? 66  ARG A NE  1 
ATOM   434 C CZ  . ARG A 1 51 ? 6.014   8.384   5.978   1.00 27.89 ? 66  ARG A CZ  1 
ATOM   435 N NH1 . ARG A 1 51 ? 6.138   8.614   4.676   1.00 29.16 ? 66  ARG A NH1 1 
ATOM   436 N NH2 . ARG A 1 51 ? 7.074   8.406   6.772   1.00 25.89 ? 66  ARG A NH2 1 
ATOM   437 N N   . SER A 1 52 ? 0.599   4.123   6.247   1.00 24.31 ? 67  SER A N   1 
ATOM   438 C CA  . SER A 1 52 ? 0.216   3.366   7.469   1.00 23.68 ? 67  SER A CA  1 
ATOM   439 C C   . SER A 1 52 ? 0.289   1.874   7.187   1.00 24.38 ? 67  SER A C   1 
ATOM   440 O O   . SER A 1 52 ? 0.852   1.098   7.979   1.00 24.48 ? 67  SER A O   1 
ATOM   441 C CB  . SER A 1 52 ? -1.135  3.763   7.938   1.00 28.33 ? 67  SER A CB  1 
ATOM   442 O OG  . SER A 1 52 ? -1.049  5.037   8.533   1.00 35.92 ? 67  SER A OG  1 
ATOM   443 N N   . GLN A 1 53 ? -0.236  1.475   6.030   1.00 21.42 ? 68  GLN A N   1 
ATOM   444 C CA  . GLN A 1 53 ? -0.289  0.061   5.647   1.00 22.31 ? 68  GLN A CA  1 
ATOM   445 C C   . GLN A 1 53 ? 1.126   -0.460  5.399   1.00 22.80 ? 68  GLN A C   1 
ATOM   446 O O   . GLN A 1 53 ? 1.417   -1.551  5.843   1.00 24.65 ? 68  GLN A O   1 
ATOM   447 C CB  . GLN A 1 53 ? -1.203  -0.118  4.420   1.00 19.95 ? 68  GLN A CB  1 
ATOM   448 C CG  . GLN A 1 53 ? -2.650  0.243   4.694   1.00 20.98 ? 68  GLN A CG  1 
ATOM   449 C CD  . GLN A 1 53 ? -3.460  -0.782  5.452   1.00 21.36 ? 68  GLN A CD  1 
ATOM   450 O OE1 . GLN A 1 53 ? -2.954  -1.881  5.752   1.00 25.49 ? 68  GLN A OE1 1 
ATOM   451 N NE2 . GLN A 1 53 ? -4.696  -0.435  5.776   1.00 20.97 ? 68  GLN A NE2 1 
ATOM   452 N N   . LEU A 1 54 ? 2.014   0.311   4.776   1.00 23.06 ? 69  LEU A N   1 
ATOM   453 C CA  . LEU A 1 54 ? 3.369   -0.190  4.448   1.00 23.40 ? 69  LEU A CA  1 
ATOM   454 C C   . LEU A 1 54 ? 4.197   -0.318  5.726   1.00 28.26 ? 69  LEU A C   1 
ATOM   455 O O   . LEU A 1 54 ? 4.877   -1.364  5.877   1.00 29.23 ? 69  LEU A O   1 
ATOM   456 C CB  . LEU A 1 54 ? 4.014   0.723   3.415   1.00 24.25 ? 69  LEU A CB  1 
ATOM   457 C CG  . LEU A 1 54 ? 3.452   0.507   2.008   1.00 25.63 ? 69  LEU A CG  1 
ATOM   458 C CD1 . LEU A 1 54 ? 3.990   1.565   1.075   1.00 25.86 ? 69  LEU A CD1 1 
ATOM   459 C CD2 . LEU A 1 54 ? 3.798   -0.882  1.505   1.00 25.46 ? 69  LEU A CD2 1 
ATOM   460 N N   . LYS A 1 55 ? 4.078   0.647   6.626   1.00 28.08 ? 70  LYS A N   1 
ATOM   461 C CA  . LYS A 1 55 ? 4.833   0.566   7.911   1.00 31.68 ? 70  LYS A CA  1 
ATOM   462 C C   . LYS A 1 55 ? 4.344   -0.629  8.743   1.00 34.64 ? 70  LYS A C   1 
ATOM   463 O O   . LYS A 1 55 ? 5.191   -1.292  9.390   1.00 36.06 ? 70  LYS A O   1 
ATOM   464 C CB  . LYS A 1 55 ? 4.711   1.904   8.630   1.00 32.76 ? 70  LYS A CB  1 
ATOM   465 C CG  . LYS A 1 55 ? 5.334   3.050   7.852   1.00 36.67 ? 70  LYS A CG  1 
ATOM   466 C CD  . LYS A 1 55 ? 5.809   4.191   8.697   1.00 42.41 ? 70  LYS A CD  1 
ATOM   467 C CE  . LYS A 1 55 ? 6.603   5.204   7.906   1.00 46.74 ? 70  LYS A CE  1 
ATOM   468 N NZ  . LYS A 1 55 ? 7.717   4.580   7.159   1.00 50.51 ? 70  LYS A NZ  1 
ATOM   469 N N   . ASN A 1 56 ? 3.050   -0.955  8.675   1.00 33.00 ? 71  ASN A N   1 
ATOM   470 C CA  . ASN A 1 56 ? 2.443   -2.075  9.454   1.00 36.85 ? 71  ASN A CA  1 
ATOM   471 C C   . ASN A 1 56 ? 2.931   -3.438  8.934   1.00 42.52 ? 71  ASN A C   1 
ATOM   472 O O   . ASN A 1 56 ? 3.047   -4.398  9.748   1.00 44.73 ? 71  ASN A O   1 
ATOM   473 C CB  . ASN A 1 56 ? 0.914   -2.004  9.416   1.00 36.82 ? 71  ASN A CB  1 
ATOM   474 C CG  . ASN A 1 56 ? 0.269   -2.536  10.681  1.00 40.86 ? 71  ASN A CG  1 
ATOM   475 O OD1 . ASN A 1 56 ? 0.392   -1.928  11.746  1.00 42.20 ? 71  ASN A OD1 1 
ATOM   476 N ND2 . ASN A 1 56 ? -0.433  -3.642  10.558  1.00 37.96 ? 71  ASN A ND2 1 
ATOM   477 N N   . ASN A 1 57 ? 3.172   -3.572  7.631   1.00 44.13 ? 72  ASN A N   1 
ATOM   478 C CA  . ASN A 1 57 ? 3.491   -4.892  7.022   1.00 49.67 ? 72  ASN A CA  1 
ATOM   479 C C   . ASN A 1 57 ? 4.899   -5.318  7.475   1.00 50.32 ? 72  ASN A C   1 
ATOM   480 O O   . ASN A 1 57 ? 5.704   -4.470  7.861   1.00 52.42 ? 72  ASN A O   1 
ATOM   481 C CB  . ASN A 1 57 ? 3.312   -4.894  5.499   1.00 46.41 ? 72  ASN A CB  1 
ATOM   482 C CG  . ASN A 1 57 ? 3.316   -6.305  4.943   1.00 47.33 ? 72  ASN A CG  1 
ATOM   483 O OD1 . ASN A 1 57 ? 4.403   -6.863  4.764   1.00 53.82 ? 72  ASN A OD1 1 
ATOM   484 N ND2 . ASN A 1 57 ? 2.136   -6.898  4.706   1.00 33.01 ? 72  ASN A ND2 1 
HETATM 485 P P   . PO4 B 2 .  ? 5.470   7.958   10.266  0.33 26.70 ? 101 PO4 A P   1 
HETATM 486 O O1  . PO4 B 2 .  ? 5.170   6.655   11.128  0.33 27.79 ? 101 PO4 A O1  1 
HETATM 487 O O2  . PO4 B 2 .  ? 6.982   8.031   9.712   0.33 30.46 ? 101 PO4 A O2  1 
HETATM 488 O O3  . PO4 B 2 .  ? 4.470   7.890   9.080   0.33 24.32 ? 101 PO4 A O3  1 
HETATM 489 O O4  . PO4 B 2 .  ? 5.220   9.326   11.091  0.33 25.93 ? 101 PO4 A O4  1 
HETATM 490 O O   . HOH C 3 .  ? 1.158   -24.636 2.562   1.00 36.95 ? 201 HOH A O   1 
HETATM 491 O O   . HOH C 3 .  ? 6.133   -0.028  -9.947  1.00 35.23 ? 202 HOH A O   1 
HETATM 492 O O   . HOH C 3 .  ? 4.521   -13.194 7.195   1.00 37.17 ? 203 HOH A O   1 
HETATM 493 O O   . HOH C 3 .  ? 0.115   7.373   7.991   1.00 31.21 ? 204 HOH A O   1 
HETATM 494 O O   . HOH C 3 .  ? 1.944   -12.114 10.301  1.00 34.62 ? 205 HOH A O   1 
HETATM 495 O O   . HOH C 3 .  ? 6.991   -10.542 1.954   1.00 37.79 ? 206 HOH A O   1 
HETATM 496 O O   . HOH C 3 .  ? -0.147  -8.204  6.614   1.00 35.51 ? 207 HOH A O   1 
HETATM 497 O O   . HOH C 3 .  ? -2.067  17.046  -14.598 1.00 21.61 ? 208 HOH A O   1 
HETATM 498 O O   . HOH C 3 .  ? 0.249   16.960  -6.954  1.00 35.81 ? 209 HOH A O   1 
HETATM 499 O O   . HOH C 3 .  ? 8.356   1.197   -4.101  1.00 46.31 ? 210 HOH A O   1 
HETATM 500 O O   . HOH C 3 .  ? 4.639   12.514  -17.905 1.00 41.27 ? 211 HOH A O   1 
HETATM 501 O O   . HOH C 3 .  ? 4.743   17.874  -11.706 1.00 34.64 ? 212 HOH A O   1 
HETATM 502 O O   . HOH C 3 .  ? -0.549  -3.373  6.002   1.00 31.21 ? 213 HOH A O   1 
HETATM 503 O O   . HOH C 3 .  ? 3.314   9.104   -17.069 1.00 31.31 ? 214 HOH A O   1 
HETATM 504 O O   . HOH C 3 .  ? 3.167   -18.935 1.653   1.00 33.18 ? 215 HOH A O   1 
HETATM 505 O O   . HOH C 3 .  ? 5.968   -5.602  -3.580  1.00 30.35 ? 216 HOH A O   1 
HETATM 506 O O   . HOH C 3 .  ? 6.718   -9.508  -2.166  1.00 30.13 ? 217 HOH A O   1 
HETATM 507 O O   . HOH C 3 .  ? 3.882   -4.585  -5.771  1.00 28.57 ? 218 HOH A O   1 
HETATM 508 O O   . HOH C 3 .  ? -4.201  2.086   -6.444  1.00 18.65 ? 219 HOH A O   1 
HETATM 509 O O   . HOH C 3 .  ? -4.200  0.559   -11.264 1.00 18.52 ? 220 HOH A O   1 
HETATM 510 O O   . HOH C 3 .  ? 3.304   -17.018 8.974   1.00 40.48 ? 221 HOH A O   1 
HETATM 511 O O   . HOH C 3 .  ? -3.178  -2.487  -5.224  1.00 23.38 ? 222 HOH A O   1 
HETATM 512 O O   . HOH C 3 .  ? 1.375   1.737   10.637  1.00 40.08 ? 223 HOH A O   1 
HETATM 513 O O   . HOH C 3 .  ? -2.944  14.491  -15.091 1.00 20.96 ? 224 HOH A O   1 
HETATM 514 O O   . HOH C 3 .  ? -6.099  1.899   5.133   1.00 30.02 ? 225 HOH A O   1 
HETATM 515 O O   . HOH C 3 .  ? -4.891  -3.868  6.220   1.00 25.06 ? 226 HOH A O   1 
HETATM 516 O O   . HOH C 3 .  ? -9.459  10.300  0.494   1.00 31.56 ? 227 HOH A O   1 
HETATM 517 O O   . HOH C 3 .  ? -4.786  -4.603  3.583   1.00 21.99 ? 228 HOH A O   1 
HETATM 518 O O   . HOH C 3 .  ? -6.312  16.658  -12.652 1.00 20.92 ? 229 HOH A O   1 
HETATM 519 O O   . HOH C 3 .  ? 5.882   4.925   -8.979  1.00 30.94 ? 230 HOH A O   1 
HETATM 520 O O   . HOH C 3 .  ? 1.756   -14.058 -1.348  1.00 34.41 ? 231 HOH A O   1 
HETATM 521 O O   . HOH C 3 .  ? 7.147   -31.423 9.902   1.00 41.47 ? 232 HOH A O   1 
HETATM 522 O O   . HOH C 3 .  ? -1.592  14.201  6.262   1.00 44.19 ? 233 HOH A O   1 
HETATM 523 O O   . HOH C 3 .  ? -1.393  -23.102 3.140   1.00 30.71 ? 234 HOH A O   1 
HETATM 524 O O   . HOH C 3 .  ? 4.289   10.521  -13.220 1.00 34.42 ? 235 HOH A O   1 
HETATM 525 O O   . HOH C 3 .  ? 2.898   7.144   -2.436  1.00 33.35 ? 236 HOH A O   1 
HETATM 526 O O   . HOH C 3 .  ? 5.146   -12.901 4.573   1.00 40.13 ? 237 HOH A O   1 
HETATM 527 O O   . HOH C 3 .  ? -0.794  -25.501 10.169  1.00 41.36 ? 238 HOH A O   1 
HETATM 528 O O   . HOH C 3 .  ? 3.095   -32.359 3.917   1.00 31.94 ? 239 HOH A O   1 
HETATM 529 O O   . HOH C 3 .  ? -5.883  8.657   6.290   1.00 36.82 ? 240 HOH A O   1 
HETATM 530 O O   . HOH C 3 .  ? -5.463  -25.199 1.803   1.00 40.85 ? 241 HOH A O   1 
HETATM 531 O O   . HOH C 3 .  ? 5.584   -26.093 4.972   1.00 32.42 ? 242 HOH A O   1 
HETATM 532 O O   . HOH C 3 .  ? 1.058   -24.017 10.530  1.00 31.20 ? 243 HOH A O   1 
HETATM 533 O O   . HOH C 3 .  ? -3.305  -14.279 11.427  1.00 31.29 ? 244 HOH A O   1 
HETATM 534 O O   . HOH C 3 .  ? 5.538   -9.938  3.967   1.00 38.02 ? 245 HOH A O   1 
HETATM 535 O O   . HOH C 3 .  ? 3.903   -16.807 -0.043  1.00 41.88 ? 246 HOH A O   1 
HETATM 536 O O   . HOH C 3 .  ? 9.151   -9.023  1.332   1.00 51.28 ? 247 HOH A O   1 
# 
